data_7NUT
#
_entry.id   7NUT
#
_cell.length_a   63.261
_cell.length_b   161.449
_cell.length_c   86.621
_cell.angle_alpha   90.000
_cell.angle_beta   90.000
_cell.angle_gamma   90.000
#
_symmetry.space_group_name_H-M   'P 21 21 21'
#
loop_
_entity.id
_entity.type
_entity.pdbx_description
1 polymer 'N-acetylglucosamine-6-phosphate deacetylase'
2 non-polymer 2-amino-2-deoxy-6-O-phosphono-alpha-D-glucopyranose
3 non-polymer 'ZINC ION'
4 water water
#
_entity_poly.entity_id   1
_entity_poly.type   'polypeptide(L)'
_entity_poly.pdbx_seq_one_letter_code
;MRGEQGAAGARVLQFTNCRILRGGKLLREDLWVRGGRILDPEKLFFEERRVADERRDCGGRILAPGFIDVQINGGFGVDF
SQATEDVGSGVALVARRILSHGVTSFCPTLVTSPPEVYHKVVPQIPVKSGGPHGAGVLGLHLEGPFISREKRGAHPEAHL
RSFEADAFQDLLATYGPLDNVRIVTLAPELGRSHEVIRALTARGICVSLGHSVADLRAAEDAVWSGATFITHLFNAMLPF
HHRDPGIVGLLTSDRLPAGRCIFYGMIADGTHTNPAALRIAHRAHPQGLVLVTDAIPALGLGNGRHTLGQQEVEVDGLTA
YVAGTKTLSGSIAPMDVCVRHFLQATGCSMESALEAASLHPAQLLGLEKSKGTLDFGADADFVVLDDSLHVQATYISGEL
VWQADAARQ
;
_entity_poly.pdbx_strand_id   A,B
#
loop_
_chem_comp.id
_chem_comp.type
_chem_comp.name
_chem_comp.formula
GLP D-saccharide, alpha linking 2-amino-2-deoxy-6-O-phosphono-alpha-D-glucopyranose 'C6 H14 N O8 P'
ZN non-polymer 'ZINC ION' 'Zn 2'
#
# COMPACT_ATOMS: atom_id res chain seq x y z
N GLY A 6 9.51 21.62 44.02
CA GLY A 6 9.75 20.22 44.31
C GLY A 6 8.47 19.39 44.35
N ALA A 7 8.63 18.07 44.20
CA ALA A 7 7.47 17.18 44.23
C ALA A 7 6.66 17.36 45.51
N ALA A 8 7.33 17.48 46.66
CA ALA A 8 6.62 17.62 47.92
C ALA A 8 5.75 18.86 47.93
N GLY A 9 6.17 19.93 47.27
CA GLY A 9 5.49 21.21 47.35
C GLY A 9 4.44 21.45 46.28
N ALA A 10 4.51 20.70 45.17
CA ALA A 10 3.63 20.95 44.05
C ALA A 10 2.28 20.27 44.20
N ARG A 11 1.25 20.90 43.64
CA ARG A 11 -0.12 20.40 43.71
C ARG A 11 -0.33 19.20 42.79
N VAL A 12 -1.19 18.27 43.22
CA VAL A 12 -1.56 17.12 42.43
C VAL A 12 -2.92 17.38 41.81
N LEU A 13 -2.99 17.36 40.47
CA LEU A 13 -4.22 17.55 39.73
C LEU A 13 -4.69 16.22 39.17
N GLN A 14 -5.99 15.94 39.28
CA GLN A 14 -6.57 14.69 38.81
C GLN A 14 -7.73 15.00 37.86
N PHE A 15 -7.62 14.55 36.62
CA PHE A 15 -8.69 14.64 35.66
C PHE A 15 -9.48 13.34 35.68
N THR A 16 -10.78 13.43 35.95
CA THR A 16 -11.66 12.28 36.12
C THR A 16 -12.72 12.28 35.02
N ASN A 17 -13.49 11.19 34.98
CA ASN A 17 -14.58 11.03 34.03
C ASN A 17 -14.08 11.28 32.61
N CYS A 18 -13.03 10.56 32.24
CA CYS A 18 -12.38 10.76 30.95
C CYS A 18 -11.88 9.43 30.41
N ARG A 19 -11.85 9.35 29.09
CA ARG A 19 -11.09 8.34 28.36
C ARG A 19 -9.79 8.95 27.90
N ILE A 20 -8.68 8.27 28.16
CA ILE A 20 -7.35 8.78 27.84
C ILE A 20 -6.70 7.86 26.82
N LEU A 21 -5.94 8.45 25.90
CA LEU A 21 -5.17 7.69 24.91
C LEU A 21 -3.85 7.27 25.55
N ARG A 22 -3.71 5.97 25.80
CA ARG A 22 -2.53 5.41 26.45
C ARG A 22 -2.23 4.05 25.84
N GLY A 23 -1.00 3.87 25.37
CA GLY A 23 -0.61 2.59 24.78
C GLY A 23 -1.45 2.18 23.60
N GLY A 24 -1.85 3.13 22.77
CA GLY A 24 -2.62 2.84 21.58
C GLY A 24 -4.07 2.48 21.82
N LYS A 25 -4.55 2.63 23.05
CA LYS A 25 -5.93 2.35 23.40
C LYS A 25 -6.54 3.52 24.16
N LEU A 26 -7.84 3.72 23.99
CA LEU A 26 -8.62 4.65 24.79
C LEU A 26 -9.09 3.91 26.05
N LEU A 27 -8.58 4.33 27.20
CA LEU A 27 -8.87 3.69 28.46
C LEU A 27 -9.72 4.61 29.31
N ARG A 28 -10.72 4.03 29.98
CA ARG A 28 -11.54 4.78 30.94
C ARG A 28 -10.73 4.83 32.23
N GLU A 29 -9.92 5.88 32.36
CA GLU A 29 -8.91 5.97 33.40
C GLU A 29 -8.64 7.46 33.64
N ASP A 30 -8.37 7.81 34.90
CA ASP A 30 -8.08 9.20 35.21
C ASP A 30 -6.66 9.57 34.77
N LEU A 31 -6.45 10.86 34.57
CA LEU A 31 -5.14 11.42 34.25
C LEU A 31 -4.66 12.26 35.44
N TRP A 32 -3.53 11.89 36.00
CA TRP A 32 -2.94 12.56 37.16
C TRP A 32 -1.73 13.38 36.73
N VAL A 33 -1.59 14.56 37.32
CA VAL A 33 -0.58 15.54 36.90
C VAL A 33 0.00 16.23 38.13
N ARG A 34 1.31 16.46 38.10
CA ARG A 34 1.98 17.29 39.10
C ARG A 34 3.21 17.92 38.47
N GLY A 35 3.43 19.20 38.76
CA GLY A 35 4.59 19.89 38.22
C GLY A 35 4.64 19.89 36.71
N GLY A 36 3.49 19.85 36.05
CA GLY A 36 3.42 19.88 34.61
C GLY A 36 3.63 18.55 33.91
N ARG A 37 3.79 17.46 34.66
CA ARG A 37 4.09 16.15 34.11
C ARG A 37 3.08 15.14 34.63
N ILE A 38 2.88 14.08 33.85
CA ILE A 38 1.93 13.03 34.20
C ILE A 38 2.56 12.09 35.21
N LEU A 39 1.78 11.72 36.24
CA LEU A 39 2.26 10.90 37.34
C LEU A 39 1.46 9.60 37.44
N ASP A 40 2.11 8.57 37.97
CA ASP A 40 1.49 7.29 38.30
C ASP A 40 0.76 7.40 39.63
N PRO A 41 -0.57 7.32 39.66
CA PRO A 41 -1.27 7.49 40.95
C PRO A 41 -0.99 6.36 41.93
N GLU A 42 -0.91 5.12 41.45
CA GLU A 42 -0.60 4.00 42.34
C GLU A 42 0.73 4.23 43.06
N LYS A 43 1.72 4.76 42.34
CA LYS A 43 3.02 4.99 42.95
C LYS A 43 2.98 6.18 43.91
N LEU A 44 2.26 7.24 43.55
CA LEU A 44 2.10 8.38 44.45
C LEU A 44 1.53 7.95 45.79
N PHE A 45 0.44 7.18 45.78
CA PHE A 45 -0.15 6.70 47.02
C PHE A 45 0.83 5.81 47.76
N PHE A 46 1.55 4.96 47.02
CA PHE A 46 2.45 3.99 47.63
C PHE A 46 3.63 4.68 48.30
N GLU A 47 4.22 5.67 47.63
CA GLU A 47 5.43 6.33 48.14
C GLU A 47 5.13 7.54 49.02
N GLU A 48 3.98 8.19 48.83
CA GLU A 48 3.67 9.42 49.54
C GLU A 48 2.33 9.40 50.26
N ARG A 49 1.48 8.41 50.03
CA ARG A 49 0.12 8.39 50.57
C ARG A 49 -0.60 9.71 50.30
N ARG A 50 -0.46 10.22 49.08
CA ARG A 50 -1.11 11.44 48.66
C ARG A 50 -2.11 11.16 47.55
N VAL A 51 -3.23 11.89 47.61
CA VAL A 51 -4.29 11.84 46.61
C VAL A 51 -4.28 13.19 45.91
N ALA A 52 -5.28 13.47 45.08
CA ALA A 52 -5.32 14.74 44.38
C ALA A 52 -5.63 15.89 45.32
N ASP A 53 -5.02 17.04 45.06
CA ASP A 53 -5.40 18.30 45.68
C ASP A 53 -6.53 18.99 44.94
N GLU A 54 -6.85 18.54 43.72
CA GLU A 54 -7.88 19.15 42.89
C GLU A 54 -8.35 18.12 41.86
N ARG A 55 -9.66 17.93 41.76
CA ARG A 55 -10.25 17.06 40.75
C ARG A 55 -11.00 17.87 39.71
N ARG A 56 -10.90 17.43 38.45
CA ARG A 56 -11.57 18.10 37.33
C ARG A 56 -12.33 17.06 36.54
N ASP A 57 -13.66 17.19 36.53
CA ASP A 57 -14.52 16.27 35.79
C ASP A 57 -14.52 16.63 34.32
N CYS A 58 -14.22 15.67 33.46
CA CYS A 58 -14.09 15.90 32.03
C CYS A 58 -15.34 15.50 31.25
N GLY A 59 -16.45 15.21 31.93
CA GLY A 59 -17.70 14.96 31.23
C GLY A 59 -17.68 13.82 30.24
N GLY A 60 -16.86 12.80 30.48
CA GLY A 60 -16.80 11.66 29.58
C GLY A 60 -16.01 11.87 28.32
N ARG A 61 -15.32 13.00 28.17
CA ARG A 61 -14.61 13.28 26.94
C ARG A 61 -13.29 12.52 26.85
N ILE A 62 -12.66 12.66 25.70
CA ILE A 62 -11.40 11.99 25.38
C ILE A 62 -10.25 12.96 25.64
N LEU A 63 -9.22 12.48 26.33
CA LEU A 63 -7.97 13.21 26.50
C LEU A 63 -6.89 12.54 25.66
N ALA A 64 -6.21 13.32 24.83
CA ALA A 64 -5.19 12.79 23.94
C ALA A 64 -3.99 13.73 23.97
N PRO A 65 -2.79 13.22 23.70
CA PRO A 65 -1.62 14.10 23.67
C PRO A 65 -1.79 15.20 22.64
N GLY A 66 -1.32 16.39 22.98
CA GLY A 66 -1.46 17.54 22.10
C GLY A 66 -0.75 17.32 20.78
N PHE A 67 -1.35 17.86 19.71
CA PHE A 67 -0.83 17.64 18.37
C PHE A 67 0.50 18.37 18.17
N ILE A 68 1.34 17.81 17.31
CA ILE A 68 2.63 18.38 16.97
C ILE A 68 2.69 18.54 15.45
N ASP A 69 2.83 19.79 14.98
CA ASP A 69 2.82 20.10 13.56
C ASP A 69 4.24 20.46 13.12
N VAL A 70 4.89 19.57 12.36
CA VAL A 70 6.28 19.76 11.99
C VAL A 70 6.42 20.43 10.62
N GLN A 71 5.31 20.85 10.00
CA GLN A 71 5.41 21.55 8.73
C GLN A 71 4.24 22.53 8.64
N ILE A 72 4.52 23.79 8.94
CA ILE A 72 3.53 24.85 8.88
C ILE A 72 4.31 26.13 8.53
N ASN A 73 3.90 26.79 7.46
CA ASN A 73 4.65 27.90 6.89
C ASN A 73 4.17 29.24 7.41
N GLY A 74 3.17 29.26 8.27
CA GLY A 74 2.57 30.48 8.76
C GLY A 74 1.10 30.24 9.02
N GLY A 75 0.36 31.34 9.03
CA GLY A 75 -1.08 31.28 9.21
C GLY A 75 -1.63 32.60 9.69
N PHE A 76 -2.93 32.79 9.42
CA PHE A 76 -3.67 33.96 9.89
C PHE A 76 -3.03 35.26 9.41
N GLY A 77 -2.42 35.24 8.23
CA GLY A 77 -1.77 36.39 7.65
C GLY A 77 -0.26 36.43 7.84
N VAL A 78 0.26 35.61 8.75
CA VAL A 78 1.69 35.60 9.04
C VAL A 78 2.39 34.66 8.10
N ASP A 79 3.52 35.10 7.55
CA ASP A 79 4.37 34.32 6.65
C ASP A 79 5.77 34.24 7.27
N PHE A 80 6.14 33.06 7.75
CA PHE A 80 7.42 32.91 8.44
C PHE A 80 8.61 33.20 7.54
N SER A 81 8.44 33.10 6.22
CA SER A 81 9.54 33.27 5.28
C SER A 81 9.73 34.74 4.87
N GLN A 82 9.31 35.68 5.70
CA GLN A 82 9.47 37.09 5.43
C GLN A 82 10.33 37.70 6.53
N ALA A 83 11.33 38.48 6.13
CA ALA A 83 12.18 39.21 7.08
C ALA A 83 11.47 40.51 7.43
N THR A 84 10.51 40.41 8.35
CA THR A 84 9.67 41.53 8.74
C THR A 84 10.27 42.28 9.93
N GLU A 85 9.56 43.33 10.35
CA GLU A 85 10.05 44.17 11.44
C GLU A 85 10.09 43.39 12.76
N ASP A 86 9.05 42.60 13.03
CA ASP A 86 9.00 41.76 14.23
C ASP A 86 8.63 40.34 13.81
N VAL A 87 9.64 39.55 13.44
CA VAL A 87 9.42 38.15 13.11
C VAL A 87 8.82 37.41 14.30
N GLY A 88 9.30 37.72 15.50
CA GLY A 88 8.84 36.99 16.68
C GLY A 88 7.37 37.21 16.96
N SER A 89 6.86 38.40 16.69
CA SER A 89 5.45 38.68 16.91
C SER A 89 4.57 37.82 16.03
N GLY A 90 4.99 37.61 14.77
CA GLY A 90 4.25 36.72 13.89
C GLY A 90 4.24 35.29 14.39
N VAL A 91 5.39 34.82 14.89
CA VAL A 91 5.47 33.45 15.41
C VAL A 91 4.56 33.29 16.62
N ALA A 92 4.56 34.27 17.52
CA ALA A 92 3.74 34.16 18.72
C ALA A 92 2.25 34.19 18.35
N LEU A 93 1.88 34.98 17.35
CA LEU A 93 0.48 35.01 16.90
C LEU A 93 0.04 33.63 16.43
N VAL A 94 0.80 33.01 15.53
CA VAL A 94 0.44 31.68 15.06
C VAL A 94 0.44 30.69 16.21
N ALA A 95 1.48 30.73 17.05
CA ALA A 95 1.58 29.80 18.18
C ALA A 95 0.35 29.88 19.07
N ARG A 96 -0.18 31.08 19.27
CA ARG A 96 -1.36 31.24 20.10
C ARG A 96 -2.60 30.69 19.42
N ARG A 97 -2.80 31.01 18.14
CA ARG A 97 -4.04 30.63 17.49
C ARG A 97 -4.16 29.12 17.30
N ILE A 98 -3.05 28.43 17.05
CA ILE A 98 -3.15 26.99 16.78
C ILE A 98 -3.44 26.19 18.03
N LEU A 99 -3.41 26.80 19.21
CA LEU A 99 -3.91 26.12 20.38
C LEU A 99 -5.36 25.67 20.19
N SER A 100 -6.16 26.49 19.50
CA SER A 100 -7.54 26.14 19.22
C SER A 100 -7.66 25.02 18.20
N HIS A 101 -6.57 24.68 17.51
CA HIS A 101 -6.54 23.53 16.61
C HIS A 101 -6.02 22.28 17.32
N GLY A 102 -5.73 22.37 18.62
CA GLY A 102 -5.19 21.25 19.37
C GLY A 102 -3.70 21.07 19.29
N VAL A 103 -2.97 22.02 18.69
CA VAL A 103 -1.54 21.91 18.51
C VAL A 103 -0.84 22.54 19.71
N THR A 104 0.04 21.78 20.36
CA THR A 104 0.78 22.28 21.51
C THR A 104 2.28 22.41 21.25
N SER A 105 2.77 21.90 20.12
CA SER A 105 4.15 22.10 19.69
C SER A 105 4.15 22.15 18.17
N PHE A 106 5.06 22.95 17.60
CA PHE A 106 5.16 22.99 16.14
C PHE A 106 6.54 23.45 15.71
N CYS A 107 6.83 23.21 14.43
CA CYS A 107 8.07 23.66 13.79
C CYS A 107 7.74 24.73 12.75
N PRO A 108 7.91 26.01 13.06
CA PRO A 108 7.80 27.02 12.01
C PRO A 108 8.68 26.64 10.83
N THR A 109 8.08 26.68 9.64
CA THR A 109 8.70 26.19 8.42
C THR A 109 8.96 27.36 7.48
N LEU A 110 10.18 27.44 6.98
CA LEU A 110 10.57 28.44 5.98
C LEU A 110 10.73 27.76 4.64
N VAL A 111 10.31 28.43 3.57
CA VAL A 111 10.40 27.88 2.24
C VAL A 111 11.60 28.49 1.53
N THR A 112 11.96 27.91 0.39
CA THR A 112 13.05 28.37 -0.46
C THR A 112 13.09 29.89 -0.54
N SER A 113 14.18 30.48 -0.04
CA SER A 113 14.31 31.92 0.06
C SER A 113 15.73 32.34 -0.28
N PRO A 114 15.95 33.62 -0.56
CA PRO A 114 17.33 34.11 -0.70
C PRO A 114 18.07 34.04 0.62
N PRO A 115 19.39 33.84 0.60
CA PRO A 115 20.13 33.78 1.87
C PRO A 115 19.82 34.90 2.84
N GLU A 116 19.67 36.13 2.36
CA GLU A 116 19.46 37.28 3.27
C GLU A 116 18.25 37.07 4.16
N VAL A 117 17.21 36.41 3.64
CA VAL A 117 16.03 36.14 4.46
C VAL A 117 16.37 35.19 5.60
N TYR A 118 17.09 34.10 5.30
CA TYR A 118 17.47 33.16 6.34
C TYR A 118 18.31 33.83 7.41
N HIS A 119 19.28 34.65 7.00
CA HIS A 119 20.20 35.26 7.95
C HIS A 119 19.47 36.17 8.93
N LYS A 120 18.39 36.80 8.50
CA LYS A 120 17.63 37.70 9.35
C LYS A 120 16.60 36.96 10.19
N VAL A 121 15.93 35.96 9.60
CA VAL A 121 14.79 35.30 10.23
C VAL A 121 15.23 34.18 11.17
N VAL A 122 16.13 33.31 10.70
CA VAL A 122 16.47 32.11 11.47
C VAL A 122 16.86 32.46 12.90
N PRO A 123 17.76 33.42 13.16
CA PRO A 123 18.12 33.72 14.55
C PRO A 123 16.99 34.31 15.37
N GLN A 124 15.93 34.80 14.75
CA GLN A 124 14.80 35.38 15.48
C GLN A 124 13.76 34.36 15.91
N ILE A 125 13.94 33.08 15.56
CA ILE A 125 12.95 32.06 15.90
C ILE A 125 13.63 30.91 16.65
N PRO A 126 13.94 31.10 17.93
CA PRO A 126 14.54 30.01 18.72
C PRO A 126 13.48 29.07 19.26
N VAL A 127 13.95 27.94 19.80
CA VAL A 127 13.08 27.05 20.55
C VAL A 127 12.46 27.83 21.70
N LYS A 128 11.20 27.53 22.00
CA LYS A 128 10.52 28.17 23.12
C LYS A 128 9.49 27.19 23.67
N SER A 129 9.51 27.01 24.99
CA SER A 129 8.54 26.12 25.63
C SER A 129 7.14 26.66 25.45
N GLY A 130 6.16 25.74 25.41
CA GLY A 130 4.78 26.14 25.29
C GLY A 130 4.21 26.65 26.61
N GLY A 131 3.07 27.32 26.50
CA GLY A 131 2.41 27.90 27.64
C GLY A 131 1.17 28.66 27.21
N PRO A 132 0.62 29.49 28.11
CA PRO A 132 -0.54 30.31 27.72
C PRO A 132 -0.26 31.21 26.53
N HIS A 133 1.02 31.52 26.26
CA HIS A 133 1.38 32.35 25.12
C HIS A 133 1.20 31.63 23.80
N GLY A 134 1.16 30.31 23.78
CA GLY A 134 0.96 29.58 22.55
C GLY A 134 1.70 28.26 22.56
N ALA A 135 1.52 27.52 21.47
CA ALA A 135 2.19 26.25 21.30
C ALA A 135 3.70 26.44 21.35
N GLY A 136 4.40 25.40 21.80
CA GLY A 136 5.84 25.49 21.91
C GLY A 136 6.48 25.42 20.53
N VAL A 137 7.58 26.15 20.37
CA VAL A 137 8.38 26.11 19.15
C VAL A 137 9.48 25.10 19.37
N LEU A 138 9.46 24.01 18.59
CA LEU A 138 10.46 22.95 18.70
C LEU A 138 11.72 23.24 17.90
N GLY A 139 11.73 24.30 17.10
CA GLY A 139 12.80 24.56 16.16
C GLY A 139 12.28 24.70 14.74
N LEU A 140 13.16 25.22 13.90
CA LEU A 140 12.78 25.54 12.52
C LEU A 140 12.88 24.32 11.63
N HIS A 141 11.97 24.27 10.65
CA HIS A 141 12.01 23.32 9.56
C HIS A 141 12.32 24.13 8.30
N LEU A 142 13.49 23.91 7.71
CA LEU A 142 13.90 24.62 6.51
C LEU A 142 13.64 23.71 5.31
N GLU A 143 12.62 24.04 4.52
CA GLU A 143 12.25 23.24 3.36
C GLU A 143 12.78 23.94 2.10
N GLY A 144 13.78 23.34 1.47
CA GLY A 144 14.52 24.00 0.44
C GLY A 144 15.58 24.87 1.07
N PRO A 145 16.45 25.49 0.24
CA PRO A 145 16.40 25.54 -1.22
C PRO A 145 17.14 24.40 -1.94
N PHE A 146 17.65 23.42 -1.20
CA PHE A 146 18.50 22.37 -1.78
C PHE A 146 17.61 21.20 -2.23
N ILE A 147 16.78 21.51 -3.23
CA ILE A 147 15.79 20.58 -3.76
C ILE A 147 15.84 20.65 -5.29
N SER A 148 15.17 19.70 -5.93
CA SER A 148 15.24 19.58 -7.38
C SER A 148 14.37 20.62 -8.08
N ARG A 149 14.83 21.05 -9.25
CA ARG A 149 14.04 21.95 -10.06
C ARG A 149 12.82 21.23 -10.65
N GLU A 150 12.98 19.95 -11.00
CA GLU A 150 11.90 19.21 -11.66
C GLU A 150 10.73 18.93 -10.74
N LYS A 151 10.96 18.90 -9.42
CA LYS A 151 9.91 18.68 -8.45
C LYS A 151 9.91 19.79 -7.41
N ARG A 152 10.12 21.03 -7.87
CA ARG A 152 10.14 22.16 -6.96
C ARG A 152 8.76 22.50 -6.45
N GLY A 153 7.71 22.03 -7.14
CA GLY A 153 6.35 22.33 -6.73
C GLY A 153 6.14 23.82 -6.66
N ALA A 154 5.77 24.31 -5.48
CA ALA A 154 5.48 25.73 -5.30
C ALA A 154 6.73 26.55 -5.00
N HIS A 155 7.89 25.93 -4.93
CA HIS A 155 9.09 26.70 -4.61
C HIS A 155 9.60 27.42 -5.86
N PRO A 156 10.09 28.66 -5.71
CA PRO A 156 10.50 29.44 -6.89
C PRO A 156 11.81 28.92 -7.49
N GLU A 157 11.80 28.75 -8.81
CA GLU A 157 12.97 28.23 -9.52
C GLU A 157 14.20 29.11 -9.27
N ALA A 158 14.00 30.43 -9.19
CA ALA A 158 15.12 31.36 -9.13
C ALA A 158 15.99 31.19 -7.89
N HIS A 159 15.44 30.64 -6.81
CA HIS A 159 16.15 30.60 -5.54
C HIS A 159 16.59 29.19 -5.14
N LEU A 160 16.42 28.21 -6.02
CA LEU A 160 16.96 26.87 -5.75
C LEU A 160 18.49 26.93 -5.69
N ARG A 161 19.07 25.99 -4.95
CA ARG A 161 20.52 25.93 -4.80
C ARG A 161 20.96 24.47 -4.78
N SER A 162 22.25 24.26 -5.05
CA SER A 162 22.85 22.93 -5.03
C SER A 162 24.07 22.89 -4.10
N PHE A 163 24.58 21.68 -3.89
CA PHE A 163 25.64 21.40 -2.93
C PHE A 163 27.03 21.28 -3.54
N GLU A 164 27.14 21.11 -4.87
CA GLU A 164 28.33 20.50 -5.43
C GLU A 164 29.60 21.29 -5.11
N ALA A 165 29.49 22.59 -4.88
CA ALA A 165 30.67 23.43 -4.68
C ALA A 165 31.46 23.02 -3.44
N ASP A 166 30.90 23.28 -2.26
CA ASP A 166 31.55 22.89 -1.00
C ASP A 166 30.53 22.36 0.00
N ALA A 167 29.54 21.61 -0.50
CA ALA A 167 28.63 20.83 0.32
C ALA A 167 28.13 21.57 1.56
N PHE A 168 28.54 21.12 2.75
CA PHE A 168 27.93 21.64 3.97
C PHE A 168 28.26 23.12 4.17
N GLN A 169 29.45 23.57 3.74
CA GLN A 169 29.76 24.98 3.90
C GLN A 169 28.88 25.85 3.02
N ASP A 170 28.36 25.33 1.90
CA ASP A 170 27.39 26.09 1.12
C ASP A 170 26.06 26.17 1.84
N LEU A 171 25.66 25.08 2.49
CA LEU A 171 24.43 25.09 3.27
C LEU A 171 24.54 26.05 4.45
N LEU A 172 25.68 26.07 5.12
CA LEU A 172 25.87 26.94 6.26
C LEU A 172 25.89 28.40 5.84
N ALA A 173 26.54 28.71 4.72
CA ALA A 173 26.55 30.07 4.21
C ALA A 173 25.16 30.53 3.78
N THR A 174 24.34 29.62 3.28
CA THR A 174 23.01 29.97 2.80
C THR A 174 22.07 30.28 3.96
N TYR A 175 22.00 29.36 4.94
CA TYR A 175 21.06 29.48 6.04
C TYR A 175 21.59 30.40 7.14
N GLY A 176 22.91 30.51 7.29
CA GLY A 176 23.49 31.09 8.47
C GLY A 176 23.58 30.07 9.58
N PRO A 177 23.99 30.50 10.78
CA PRO A 177 24.08 29.56 11.91
C PRO A 177 22.79 28.76 12.08
N LEU A 178 22.94 27.49 12.43
CA LEU A 178 21.84 26.52 12.44
C LEU A 178 21.34 26.20 13.84
N ASP A 179 21.73 26.97 14.85
CA ASP A 179 21.38 26.65 16.23
C ASP A 179 19.87 26.44 16.41
N ASN A 180 19.07 27.22 15.70
CA ASN A 180 17.62 27.19 15.87
C ASN A 180 16.92 26.20 14.95
N VAL A 181 17.67 25.42 14.18
CA VAL A 181 17.11 24.57 13.13
C VAL A 181 16.92 23.15 13.65
N ARG A 182 15.73 22.59 13.40
CA ARG A 182 15.40 21.23 13.79
C ARG A 182 15.27 20.26 12.62
N ILE A 183 14.82 20.74 11.46
CA ILE A 183 14.55 19.87 10.32
C ILE A 183 15.02 20.57 9.05
N VAL A 184 15.59 19.80 8.13
CA VAL A 184 15.94 20.29 6.81
C VAL A 184 15.39 19.29 5.79
N THR A 185 14.58 19.78 4.86
CA THR A 185 14.17 18.98 3.71
C THR A 185 15.12 19.27 2.54
N LEU A 186 15.65 18.20 1.95
CA LEU A 186 16.50 18.32 0.77
C LEU A 186 16.19 17.17 -0.18
N ALA A 187 16.65 17.31 -1.42
CA ALA A 187 16.52 16.26 -2.43
C ALA A 187 17.81 15.47 -2.50
N PRO A 188 17.80 14.17 -2.18
CA PRO A 188 19.07 13.45 -1.99
C PRO A 188 19.83 13.17 -3.29
N GLU A 189 19.20 13.33 -4.46
CA GLU A 189 19.93 13.14 -5.70
C GLU A 189 20.92 14.26 -5.98
N LEU A 190 20.82 15.39 -5.27
CA LEU A 190 21.84 16.41 -5.41
C LEU A 190 23.21 15.82 -5.11
N GLY A 191 24.19 16.20 -5.92
CA GLY A 191 25.55 15.75 -5.68
C GLY A 191 26.04 16.18 -4.31
N ARG A 192 26.74 15.26 -3.64
CA ARG A 192 27.33 15.47 -2.32
C ARG A 192 26.28 15.54 -1.20
N SER A 193 25.06 15.07 -1.46
CA SER A 193 24.05 15.04 -0.40
C SER A 193 24.49 14.18 0.79
N HIS A 194 25.24 13.10 0.54
CA HIS A 194 25.73 12.25 1.63
C HIS A 194 26.49 13.05 2.69
N GLU A 195 27.46 13.85 2.28
CA GLU A 195 28.25 14.63 3.23
C GLU A 195 27.37 15.57 4.03
N VAL A 196 26.41 16.20 3.35
CA VAL A 196 25.53 17.17 4.00
C VAL A 196 24.64 16.48 5.02
N ILE A 197 24.09 15.31 4.65
CA ILE A 197 23.23 14.58 5.57
C ILE A 197 23.98 14.21 6.84
N ARG A 198 25.22 13.72 6.69
CA ARG A 198 26.05 13.38 7.85
C ARG A 198 26.29 14.59 8.74
N ALA A 199 26.66 15.73 8.14
CA ALA A 199 26.96 16.92 8.92
C ALA A 199 25.71 17.46 9.61
N LEU A 200 24.55 17.37 8.95
CA LEU A 200 23.32 17.84 9.56
C LEU A 200 22.92 16.94 10.73
N THR A 201 22.95 15.61 10.53
CA THR A 201 22.55 14.73 11.62
C THR A 201 23.56 14.77 12.76
N ALA A 202 24.83 15.06 12.47
CA ALA A 202 25.83 15.22 13.52
C ALA A 202 25.51 16.40 14.44
N ARG A 203 24.77 17.38 13.95
CA ARG A 203 24.36 18.53 14.74
C ARG A 203 22.97 18.36 15.33
N GLY A 204 22.41 17.15 15.29
CA GLY A 204 21.10 16.88 15.84
C GLY A 204 19.93 17.28 14.96
N ILE A 205 20.18 17.64 13.71
CA ILE A 205 19.14 18.10 12.80
C ILE A 205 18.55 16.90 12.07
N CYS A 206 17.21 16.82 12.07
CA CYS A 206 16.50 15.81 11.31
C CYS A 206 16.55 16.14 9.82
N VAL A 207 16.92 15.17 9.00
CA VAL A 207 16.98 15.34 7.56
C VAL A 207 15.77 14.67 6.92
N SER A 208 15.05 15.42 6.11
CA SER A 208 13.89 14.91 5.40
C SER A 208 14.12 14.93 3.90
N LEU A 209 13.53 13.94 3.22
CA LEU A 209 13.64 13.81 1.78
C LEU A 209 12.36 14.31 1.11
N GLY A 210 12.52 15.19 0.14
CA GLY A 210 11.35 15.72 -0.56
C GLY A 210 11.76 16.57 -1.74
N HIS A 211 10.74 16.92 -2.53
CA HIS A 211 10.92 17.73 -3.73
C HIS A 211 12.06 17.20 -4.58
N SER A 212 11.93 15.93 -4.95
CA SER A 212 13.05 15.13 -5.42
C SER A 212 12.61 14.22 -6.55
N VAL A 213 13.52 14.01 -7.51
CA VAL A 213 13.36 12.99 -8.53
C VAL A 213 14.26 11.78 -8.24
N ALA A 214 14.65 11.60 -6.97
CA ALA A 214 15.47 10.45 -6.60
C ALA A 214 14.71 9.15 -6.79
N ASP A 215 15.46 8.09 -7.11
CA ASP A 215 14.89 6.76 -7.19
C ASP A 215 15.03 6.08 -5.82
N LEU A 216 14.48 4.86 -5.72
CA LEU A 216 14.43 4.19 -4.42
C LEU A 216 15.82 3.96 -3.84
N ARG A 217 16.77 3.49 -4.67
CA ARG A 217 18.09 3.19 -4.12
C ARG A 217 18.77 4.46 -3.58
N ALA A 218 18.65 5.57 -4.31
CA ALA A 218 19.17 6.84 -3.81
C ALA A 218 18.47 7.25 -2.53
N ALA A 219 17.16 7.00 -2.42
CA ALA A 219 16.44 7.31 -1.19
C ALA A 219 16.90 6.42 -0.04
N GLU A 220 17.11 5.13 -0.31
CA GLU A 220 17.63 4.23 0.73
C GLU A 220 19.05 4.63 1.15
N ASP A 221 19.90 5.02 0.19
CA ASP A 221 21.23 5.53 0.54
C ASP A 221 21.13 6.70 1.50
N ALA A 222 20.18 7.62 1.26
CA ALA A 222 20.05 8.78 2.12
C ALA A 222 19.61 8.39 3.53
N VAL A 223 18.76 7.37 3.67
CA VAL A 223 18.41 6.88 5.00
C VAL A 223 19.64 6.27 5.69
N TRP A 224 20.45 5.51 4.96
CA TRP A 224 21.67 4.97 5.55
C TRP A 224 22.64 6.08 5.95
N SER A 225 22.61 7.21 5.26
CA SER A 225 23.42 8.35 5.69
C SER A 225 22.85 9.09 6.88
N GLY A 226 21.56 8.90 7.20
CA GLY A 226 20.99 9.51 8.38
C GLY A 226 19.59 10.10 8.24
N ALA A 227 19.04 10.15 7.03
CA ALA A 227 17.72 10.74 6.86
C ALA A 227 16.66 9.89 7.53
N THR A 228 15.67 10.54 8.15
CA THR A 228 14.61 9.84 8.87
C THR A 228 13.19 10.29 8.54
N PHE A 229 12.99 11.22 7.61
CA PHE A 229 11.66 11.74 7.33
C PHE A 229 11.48 11.87 5.82
N ILE A 230 10.23 11.81 5.39
CA ILE A 230 9.82 12.11 4.01
C ILE A 230 8.83 13.26 4.06
N THR A 231 9.06 14.29 3.25
CA THR A 231 8.24 15.49 3.26
C THR A 231 7.03 15.31 2.34
N HIS A 232 5.84 15.52 2.90
CA HIS A 232 4.53 15.30 2.26
C HIS A 232 4.55 14.27 1.14
N LEU A 233 4.56 12.99 1.57
CA LEU A 233 4.56 11.86 0.66
C LEU A 233 3.54 12.03 -0.46
N PHE A 234 3.98 11.68 -1.68
CA PHE A 234 3.24 11.77 -2.93
C PHE A 234 3.33 13.15 -3.58
N ASN A 235 3.41 14.22 -2.78
CA ASN A 235 3.47 15.57 -3.33
C ASN A 235 4.92 15.96 -3.62
N ALA A 236 5.17 16.43 -4.84
CA ALA A 236 6.49 16.90 -5.26
C ALA A 236 7.54 15.77 -5.17
N MET A 237 7.17 14.60 -5.66
CA MET A 237 8.12 13.49 -5.85
C MET A 237 7.61 12.62 -6.98
N LEU A 238 8.49 11.77 -7.52
CA LEU A 238 8.07 10.93 -8.62
C LEU A 238 7.01 9.94 -8.13
N PRO A 239 5.99 9.65 -8.93
CA PRO A 239 4.97 8.70 -8.49
C PRO A 239 5.55 7.31 -8.37
N PHE A 240 4.78 6.45 -7.70
CA PHE A 240 5.14 5.05 -7.60
C PHE A 240 4.95 4.36 -8.94
N HIS A 241 5.96 3.64 -9.39
CA HIS A 241 5.85 2.74 -10.52
C HIS A 241 6.30 1.36 -10.07
N HIS A 242 5.68 0.32 -10.65
CA HIS A 242 5.91 -1.05 -10.23
C HIS A 242 7.29 -1.60 -10.59
N ARG A 243 8.03 -0.93 -11.48
CA ARG A 243 9.42 -1.27 -11.76
C ARG A 243 10.35 -0.10 -11.46
N ASP A 244 9.86 0.87 -10.68
CA ASP A 244 10.59 2.08 -10.34
C ASP A 244 9.88 2.73 -9.15
N PRO A 245 9.98 2.15 -7.96
CA PRO A 245 9.11 2.62 -6.85
C PRO A 245 9.33 4.06 -6.41
N GLY A 246 10.55 4.59 -6.52
CA GLY A 246 10.80 5.93 -6.01
C GLY A 246 10.75 6.01 -4.49
N ILE A 247 10.53 7.23 -4.00
CA ILE A 247 10.57 7.48 -2.56
C ILE A 247 9.42 6.77 -1.83
N VAL A 248 8.26 6.64 -2.47
CA VAL A 248 7.17 5.90 -1.83
C VAL A 248 7.65 4.49 -1.48
N GLY A 249 8.60 3.95 -2.25
CA GLY A 249 9.13 2.63 -1.96
C GLY A 249 9.83 2.51 -0.63
N LEU A 250 10.19 3.63 0.00
CA LEU A 250 10.77 3.53 1.34
C LEU A 250 9.79 2.94 2.33
N LEU A 251 8.48 3.14 2.09
CA LEU A 251 7.49 2.63 3.03
C LEU A 251 7.51 1.11 3.10
N THR A 252 7.95 0.43 2.03
CA THR A 252 7.97 -1.03 2.01
C THR A 252 9.39 -1.61 1.93
N SER A 253 10.42 -0.79 2.04
CA SER A 253 11.78 -1.29 1.85
C SER A 253 12.20 -2.20 3.00
N ASP A 254 12.89 -3.29 2.67
CA ASP A 254 13.44 -4.18 3.67
C ASP A 254 14.97 -4.04 3.80
N ARG A 255 15.57 -2.99 3.24
CA ARG A 255 17.01 -2.83 3.35
C ARG A 255 17.41 -1.55 4.07
N LEU A 256 16.55 -1.05 4.95
CA LEU A 256 16.86 0.10 5.78
C LEU A 256 17.49 -0.36 7.08
N PRO A 257 18.10 0.55 7.83
CA PRO A 257 18.70 0.15 9.11
C PRO A 257 17.69 -0.54 10.01
N ALA A 258 18.12 -1.64 10.63
CA ALA A 258 17.23 -2.45 11.44
C ALA A 258 16.72 -1.69 12.66
N GLY A 259 15.44 -1.88 12.96
CA GLY A 259 14.86 -1.36 14.19
C GLY A 259 14.50 0.11 14.16
N ARG A 260 14.90 0.84 13.12
CA ARG A 260 14.62 2.26 13.02
C ARG A 260 13.44 2.48 12.07
N CYS A 261 12.55 3.37 12.46
CA CYS A 261 11.33 3.65 11.70
C CYS A 261 11.54 4.88 10.81
N ILE A 262 11.31 4.72 9.51
CA ILE A 262 11.23 5.86 8.59
C ILE A 262 9.84 6.49 8.70
N PHE A 263 9.80 7.78 9.00
CA PHE A 263 8.57 8.53 9.10
C PHE A 263 8.28 9.29 7.81
N TYR A 264 7.00 9.60 7.59
CA TYR A 264 6.60 10.31 6.38
C TYR A 264 5.41 11.20 6.67
N GLY A 265 5.48 12.44 6.19
CA GLY A 265 4.36 13.35 6.33
C GLY A 265 3.30 13.13 5.27
N MET A 266 2.05 13.37 5.65
CA MET A 266 0.93 13.37 4.71
C MET A 266 0.03 14.55 5.03
N ILE A 267 -0.38 15.27 3.98
CA ILE A 267 -1.34 16.35 4.08
C ILE A 267 -2.72 15.74 3.87
N ALA A 268 -3.45 15.57 4.97
CA ALA A 268 -4.79 14.96 4.92
C ALA A 268 -5.88 16.02 4.92
N ASP A 269 -5.85 16.87 3.89
CA ASP A 269 -6.84 17.94 3.76
C ASP A 269 -7.94 17.64 2.76
N GLY A 270 -7.88 16.50 2.08
CA GLY A 270 -8.87 16.18 1.07
C GLY A 270 -8.60 16.79 -0.28
N THR A 271 -7.55 17.61 -0.40
CA THR A 271 -7.17 18.23 -1.65
C THR A 271 -5.83 17.74 -2.18
N HIS A 272 -4.86 17.52 -1.31
CA HIS A 272 -3.53 17.14 -1.79
C HIS A 272 -3.46 15.69 -2.23
N THR A 273 -4.22 14.80 -1.59
CA THR A 273 -4.26 13.38 -1.96
C THR A 273 -5.67 12.86 -1.78
N ASN A 274 -6.05 11.91 -2.63
CA ASN A 274 -7.34 11.24 -2.53
C ASN A 274 -7.31 10.19 -1.43
N PRO A 275 -8.48 9.68 -1.02
CA PRO A 275 -8.48 8.71 0.09
C PRO A 275 -7.65 7.47 -0.17
N ALA A 276 -7.59 6.99 -1.42
CA ALA A 276 -6.80 5.81 -1.71
C ALA A 276 -5.33 6.00 -1.32
N ALA A 277 -4.79 7.21 -1.47
CA ALA A 277 -3.39 7.43 -1.17
C ALA A 277 -3.14 7.37 0.33
N LEU A 278 -4.04 7.95 1.12
CA LEU A 278 -3.92 7.86 2.56
C LEU A 278 -4.07 6.42 3.03
N ARG A 279 -5.00 5.67 2.41
CA ARG A 279 -5.23 4.28 2.80
C ARG A 279 -4.01 3.41 2.46
N ILE A 280 -3.47 3.57 1.26
CA ILE A 280 -2.40 2.67 0.82
C ILE A 280 -1.13 2.90 1.65
N ALA A 281 -0.83 4.16 1.98
CA ALA A 281 0.31 4.46 2.82
C ALA A 281 0.09 3.94 4.24
N HIS A 282 -1.07 4.25 4.82
CA HIS A 282 -1.38 3.82 6.19
C HIS A 282 -1.36 2.30 6.32
N ARG A 283 -1.80 1.59 5.29
CA ARG A 283 -1.79 0.14 5.33
C ARG A 283 -0.38 -0.42 5.11
N ALA A 284 0.43 0.25 4.30
CA ALA A 284 1.78 -0.24 4.03
C ALA A 284 2.70 -0.02 5.21
N HIS A 285 2.58 1.13 5.89
CA HIS A 285 3.51 1.50 6.95
C HIS A 285 2.80 2.42 7.92
N PRO A 286 1.90 1.87 8.76
CA PRO A 286 1.11 2.74 9.64
C PRO A 286 1.95 3.48 10.67
N GLN A 287 3.01 2.84 11.17
CA GLN A 287 3.82 3.41 12.24
C GLN A 287 4.55 4.68 11.82
N GLY A 288 4.79 4.88 10.54
CA GLY A 288 5.56 6.03 10.10
C GLY A 288 4.75 7.26 9.75
N LEU A 289 3.43 7.16 9.75
CA LEU A 289 2.62 8.24 9.20
C LEU A 289 2.55 9.41 10.17
N VAL A 290 2.92 10.60 9.66
CA VAL A 290 2.89 11.84 10.43
C VAL A 290 1.95 12.80 9.71
N LEU A 291 0.92 13.27 10.41
CA LEU A 291 0.06 14.30 9.82
C LEU A 291 0.74 15.65 9.94
N VAL A 292 0.81 16.36 8.81
CA VAL A 292 1.29 17.74 8.79
C VAL A 292 0.23 18.57 8.07
N THR A 293 0.10 19.83 8.48
CA THR A 293 -0.84 20.70 7.78
C THR A 293 -0.24 21.26 6.50
N ASP A 294 1.07 21.53 6.47
CA ASP A 294 1.66 22.30 5.39
C ASP A 294 0.87 23.58 5.15
N ALA A 295 0.41 24.18 6.25
CA ALA A 295 -0.45 25.35 6.17
C ALA A 295 0.28 26.55 5.60
N ILE A 296 -0.42 27.32 4.77
CA ILE A 296 0.16 28.50 4.16
C ILE A 296 -0.24 29.72 4.98
N PRO A 297 0.41 30.86 4.76
CA PRO A 297 0.07 32.05 5.56
C PRO A 297 -1.39 32.46 5.51
N ALA A 298 -2.12 32.07 4.46
CA ALA A 298 -3.53 32.44 4.33
C ALA A 298 -4.45 31.54 5.14
N LEU A 299 -3.90 30.59 5.91
CA LEU A 299 -4.73 29.75 6.76
C LEU A 299 -5.59 30.63 7.67
N GLY A 300 -6.89 30.31 7.71
CA GLY A 300 -7.84 31.03 8.51
C GLY A 300 -8.34 32.33 7.91
N LEU A 301 -7.94 32.65 6.67
CA LEU A 301 -8.35 33.89 6.04
C LEU A 301 -9.38 33.69 4.92
N GLY A 302 -9.64 32.45 4.51
CA GLY A 302 -10.55 32.24 3.40
C GLY A 302 -9.91 32.60 2.06
N ASN A 303 -10.76 32.79 1.06
CA ASN A 303 -10.29 33.07 -0.27
C ASN A 303 -9.59 34.43 -0.33
N GLY A 304 -8.73 34.58 -1.31
CA GLY A 304 -8.02 35.82 -1.52
C GLY A 304 -6.62 35.54 -2.04
N ARG A 305 -5.83 36.60 -2.06
CA ARG A 305 -4.46 36.56 -2.54
C ARG A 305 -3.52 36.79 -1.37
N HIS A 306 -2.39 36.09 -1.37
CA HIS A 306 -1.48 36.21 -0.24
C HIS A 306 -0.10 35.74 -0.68
N THR A 307 0.76 35.49 0.29
CA THR A 307 2.17 35.25 0.03
C THR A 307 2.59 33.88 0.56
N LEU A 308 3.62 33.32 -0.06
CA LEU A 308 4.33 32.16 0.48
C LEU A 308 5.79 32.41 0.10
N GLY A 309 6.53 33.05 0.99
CA GLY A 309 7.91 33.40 0.70
C GLY A 309 7.99 34.36 -0.46
N GLN A 310 8.70 33.95 -1.51
CA GLN A 310 8.92 34.77 -2.69
C GLN A 310 7.80 34.63 -3.71
N GLN A 311 6.80 33.79 -3.45
CA GLN A 311 5.74 33.50 -4.39
C GLN A 311 4.44 34.18 -3.95
N GLU A 312 3.54 34.33 -4.91
CA GLU A 312 2.20 34.84 -4.65
C GLU A 312 1.23 33.67 -4.72
N VAL A 313 0.28 33.63 -3.80
CA VAL A 313 -0.68 32.53 -3.69
C VAL A 313 -2.08 33.10 -3.82
N GLU A 314 -2.92 32.42 -4.58
CA GLU A 314 -4.33 32.77 -4.72
C GLU A 314 -5.17 31.62 -4.16
N VAL A 315 -5.92 31.89 -3.11
CA VAL A 315 -6.85 30.90 -2.57
C VAL A 315 -8.20 31.15 -3.21
N ASP A 316 -8.71 30.14 -3.91
CA ASP A 316 -10.04 30.20 -4.52
C ASP A 316 -10.70 28.84 -4.36
N GLY A 317 -11.96 28.87 -3.94
CA GLY A 317 -12.58 27.64 -3.50
C GLY A 317 -11.96 27.22 -2.19
N LEU A 318 -11.65 25.93 -2.07
CA LEU A 318 -10.93 25.39 -0.93
C LEU A 318 -9.50 25.04 -1.31
N THR A 319 -8.94 25.74 -2.28
CA THR A 319 -7.69 25.35 -2.90
C THR A 319 -6.75 26.55 -3.00
N ALA A 320 -5.49 26.34 -2.63
CA ALA A 320 -4.48 27.39 -2.62
C ALA A 320 -3.47 27.07 -3.71
N TYR A 321 -3.51 27.85 -4.79
CA TYR A 321 -2.61 27.70 -5.93
C TYR A 321 -1.56 28.79 -5.93
N VAL A 322 -0.40 28.48 -6.52
CA VAL A 322 0.51 29.54 -6.93
C VAL A 322 -0.18 30.39 -7.97
N ALA A 323 -0.19 31.70 -7.76
CA ALA A 323 -0.96 32.60 -8.60
C ALA A 323 -0.63 32.36 -10.07
N GLY A 324 -1.67 32.27 -10.90
CA GLY A 324 -1.51 32.05 -12.31
C GLY A 324 -1.26 30.62 -12.73
N THR A 325 -1.23 29.68 -11.79
CA THR A 325 -0.97 28.28 -12.09
C THR A 325 -2.06 27.40 -11.48
N LYS A 326 -1.99 26.11 -11.80
CA LYS A 326 -2.76 25.10 -11.10
C LYS A 326 -1.84 24.24 -10.24
N THR A 327 -0.78 24.84 -9.72
CA THR A 327 0.16 24.18 -8.83
C THR A 327 -0.24 24.47 -7.38
N LEU A 328 -0.54 23.42 -6.63
CA LEU A 328 -0.90 23.60 -5.23
C LEU A 328 0.28 24.19 -4.48
N SER A 329 0.01 25.20 -3.64
CA SER A 329 1.06 25.81 -2.83
C SER A 329 1.18 25.18 -1.44
N GLY A 330 0.06 24.77 -0.88
CA GLY A 330 0.00 24.29 0.48
C GLY A 330 -1.47 24.16 0.86
N SER A 331 -1.72 23.97 2.14
CA SER A 331 -3.08 23.74 2.62
C SER A 331 -3.61 24.88 3.48
N ILE A 332 -4.91 24.94 3.60
CA ILE A 332 -5.60 25.90 4.50
C ILE A 332 -6.38 25.09 5.50
N ALA A 333 -5.94 23.87 5.79
CA ALA A 333 -6.64 23.00 6.73
C ALA A 333 -5.92 22.97 8.06
N PRO A 334 -6.55 23.38 9.17
CA PRO A 334 -5.90 23.22 10.48
C PRO A 334 -5.71 21.75 10.86
N MET A 335 -4.81 21.53 11.82
CA MET A 335 -4.43 20.17 12.19
C MET A 335 -5.64 19.35 12.61
N ASP A 336 -6.53 19.91 13.42
CA ASP A 336 -7.68 19.13 13.87
C ASP A 336 -8.56 18.73 12.70
N VAL A 337 -8.67 19.60 11.69
CA VAL A 337 -9.37 19.23 10.46
C VAL A 337 -8.66 18.08 9.75
N CYS A 338 -7.33 18.12 9.70
CA CYS A 338 -6.59 17.02 9.08
C CYS A 338 -6.83 15.72 9.83
N VAL A 339 -6.82 15.76 11.16
CA VAL A 339 -7.05 14.55 11.94
C VAL A 339 -8.40 13.95 11.59
N ARG A 340 -9.45 14.77 11.59
CA ARG A 340 -10.78 14.25 11.32
C ARG A 340 -10.90 13.73 9.89
N HIS A 341 -10.25 14.40 8.92
CA HIS A 341 -10.31 13.92 7.55
C HIS A 341 -9.55 12.61 7.40
N PHE A 342 -8.37 12.52 8.00
CA PHE A 342 -7.61 11.27 7.98
C PHE A 342 -8.45 10.12 8.54
N LEU A 343 -9.09 10.35 9.68
CA LEU A 343 -9.96 9.32 10.26
C LEU A 343 -11.05 8.90 9.28
N GLN A 344 -11.74 9.88 8.69
CA GLN A 344 -12.85 9.58 7.79
C GLN A 344 -12.38 8.91 6.52
N ALA A 345 -11.28 9.39 5.94
CA ALA A 345 -10.86 8.89 4.64
C ALA A 345 -10.31 7.48 4.72
N THR A 346 -9.63 7.13 5.82
CA THR A 346 -9.01 5.82 5.95
C THR A 346 -9.87 4.79 6.66
N GLY A 347 -10.86 5.22 7.45
CA GLY A 347 -11.57 4.29 8.29
C GLY A 347 -10.74 3.69 9.39
N CYS A 348 -9.63 4.33 9.75
CA CYS A 348 -8.79 3.84 10.85
C CYS A 348 -9.47 4.10 12.19
N SER A 349 -8.85 3.60 13.24
CA SER A 349 -9.35 3.86 14.58
C SER A 349 -9.07 5.30 14.98
N MET A 350 -9.83 5.78 15.97
CA MET A 350 -9.56 7.10 16.52
C MET A 350 -8.15 7.18 17.08
N GLU A 351 -7.69 6.10 17.74
CA GLU A 351 -6.33 6.06 18.28
C GLU A 351 -5.29 6.29 17.20
N SER A 352 -5.45 5.63 16.05
CA SER A 352 -4.46 5.74 14.99
C SER A 352 -4.38 7.15 14.44
N ALA A 353 -5.53 7.81 14.29
CA ALA A 353 -5.55 9.18 13.81
C ALA A 353 -4.86 10.11 14.80
N LEU A 354 -5.10 9.90 16.09
CA LEU A 354 -4.51 10.77 17.10
C LEU A 354 -3.01 10.55 17.19
N GLU A 355 -2.57 9.31 17.04
CA GLU A 355 -1.15 9.01 17.10
C GLU A 355 -0.40 9.62 15.92
N ALA A 356 -1.01 9.65 14.75
CA ALA A 356 -0.38 10.24 13.58
C ALA A 356 -0.16 11.75 13.73
N ALA A 357 -0.94 12.40 14.59
CA ALA A 357 -0.80 13.83 14.82
C ALA A 357 0.03 14.19 16.04
N SER A 358 0.53 13.19 16.78
CA SER A 358 1.23 13.50 18.03
C SER A 358 2.33 12.50 18.36
N LEU A 359 1.97 11.25 18.66
CA LEU A 359 2.99 10.25 18.99
C LEU A 359 4.04 10.16 17.90
N HIS A 360 3.62 10.00 16.66
CA HIS A 360 4.56 9.79 15.57
C HIS A 360 5.45 11.00 15.33
N PRO A 361 4.95 12.23 15.25
CA PRO A 361 5.88 13.37 15.13
C PRO A 361 6.82 13.47 16.32
N ALA A 362 6.35 13.12 17.52
CA ALA A 362 7.22 13.12 18.69
C ALA A 362 8.35 12.09 18.52
N GLN A 363 8.00 10.87 18.10
CA GLN A 363 9.02 9.85 17.87
C GLN A 363 10.02 10.28 16.83
N LEU A 364 9.54 10.87 15.73
CA LEU A 364 10.43 11.38 14.69
C LEU A 364 11.53 12.25 15.30
N LEU A 365 11.15 13.16 16.19
CA LEU A 365 12.05 14.15 16.74
C LEU A 365 12.71 13.69 18.04
N GLY A 366 12.58 12.42 18.41
CA GLY A 366 13.20 11.91 19.62
C GLY A 366 12.62 12.47 20.89
N LEU A 367 11.38 12.93 20.87
CA LEU A 367 10.75 13.57 22.02
C LEU A 367 9.74 12.67 22.71
N GLU A 368 9.73 11.38 22.36
CA GLU A 368 8.65 10.50 22.79
C GLU A 368 8.58 10.30 24.30
N LYS A 369 9.61 10.68 25.05
CA LYS A 369 9.57 10.58 26.50
C LYS A 369 8.96 11.80 27.17
N SER A 370 8.87 12.92 26.45
CA SER A 370 8.33 14.16 27.00
C SER A 370 7.09 14.65 26.30
N LYS A 371 6.92 14.36 25.00
CA LYS A 371 5.77 14.83 24.24
C LYS A 371 5.14 13.65 23.51
N GLY A 372 3.92 13.88 23.03
CA GLY A 372 3.25 12.92 22.17
C GLY A 372 2.64 11.73 22.87
N THR A 373 2.70 11.65 24.20
CA THR A 373 2.14 10.52 24.92
C THR A 373 1.54 11.01 26.24
N LEU A 374 0.65 10.19 26.79
CA LEU A 374 0.16 10.37 28.16
C LEU A 374 0.80 9.38 29.13
N ASP A 375 2.04 8.98 28.85
CA ASP A 375 2.75 8.07 29.73
C ASP A 375 3.26 8.80 30.97
N PHE A 376 3.50 8.02 32.03
CA PHE A 376 4.07 8.56 33.25
C PHE A 376 5.39 9.28 32.93
N GLY A 377 5.55 10.48 33.50
CA GLY A 377 6.74 11.27 33.28
C GLY A 377 6.68 12.23 32.11
N ALA A 378 5.75 12.04 31.18
CA ALA A 378 5.65 12.92 30.03
C ALA A 378 5.05 14.27 30.42
N ASP A 379 5.29 15.27 29.58
CA ASP A 379 4.67 16.57 29.78
C ASP A 379 3.16 16.47 29.62
N ALA A 380 2.44 17.17 30.50
CA ALA A 380 0.97 17.18 30.47
C ALA A 380 0.47 18.18 29.41
N ASP A 381 0.82 17.90 28.16
CA ASP A 381 0.28 18.62 27.01
C ASP A 381 -0.78 17.72 26.37
N PHE A 382 -2.05 18.14 26.43
CA PHE A 382 -3.10 17.29 25.91
C PHE A 382 -4.30 18.13 25.48
N VAL A 383 -5.15 17.50 24.68
CA VAL A 383 -6.39 18.11 24.19
C VAL A 383 -7.57 17.31 24.70
N VAL A 384 -8.67 18.01 24.96
CA VAL A 384 -9.94 17.41 25.33
C VAL A 384 -10.80 17.38 24.08
N LEU A 385 -11.26 16.19 23.70
CA LEU A 385 -11.92 15.97 22.42
C LEU A 385 -13.28 15.32 22.64
N ASP A 386 -14.24 15.65 21.79
CA ASP A 386 -15.50 14.94 21.80
C ASP A 386 -15.37 13.72 20.89
N ASP A 387 -16.46 12.96 20.75
CA ASP A 387 -16.40 11.69 20.04
C ASP A 387 -16.13 11.87 18.56
N SER A 388 -16.36 13.06 18.02
CA SER A 388 -16.01 13.36 16.63
C SER A 388 -14.62 13.95 16.50
N LEU A 389 -13.85 14.02 17.60
CA LEU A 389 -12.50 14.58 17.60
C LEU A 389 -12.51 16.08 17.27
N HIS A 390 -13.51 16.78 17.78
CA HIS A 390 -13.48 18.24 17.82
C HIS A 390 -12.85 18.69 19.12
N VAL A 391 -11.93 19.66 19.03
CA VAL A 391 -11.14 20.10 20.18
C VAL A 391 -11.97 21.03 21.05
N GLN A 392 -12.18 20.64 22.31
CA GLN A 392 -12.93 21.44 23.27
C GLN A 392 -12.05 22.28 24.17
N ALA A 393 -10.81 21.84 24.41
CA ALA A 393 -9.92 22.54 25.32
C ALA A 393 -8.53 22.00 25.11
N THR A 394 -7.52 22.84 25.38
CA THR A 394 -6.13 22.49 25.20
C THR A 394 -5.38 22.83 26.47
N TYR A 395 -4.59 21.88 26.95
CA TYR A 395 -3.78 22.03 28.15
C TYR A 395 -2.31 21.93 27.77
N ILE A 396 -1.48 22.76 28.39
CA ILE A 396 -0.03 22.67 28.29
C ILE A 396 0.55 22.69 29.69
N SER A 397 1.44 21.74 29.97
CA SER A 397 2.05 21.61 31.29
C SER A 397 0.97 21.54 32.37
N GLY A 398 -0.14 20.88 32.04
CA GLY A 398 -1.24 20.69 32.97
C GLY A 398 -2.14 21.90 33.15
N GLU A 399 -1.87 23.00 32.45
CA GLU A 399 -2.60 24.25 32.61
C GLU A 399 -3.48 24.47 31.39
N LEU A 400 -4.74 24.82 31.64
CA LEU A 400 -5.67 25.14 30.56
C LEU A 400 -5.21 26.39 29.83
N VAL A 401 -4.98 26.27 28.52
CA VAL A 401 -4.47 27.39 27.73
C VAL A 401 -5.41 27.78 26.59
N TRP A 402 -6.43 26.97 26.29
CA TRP A 402 -7.48 27.38 25.37
C TRP A 402 -8.72 26.55 25.68
N GLN A 403 -9.90 27.17 25.53
CA GLN A 403 -11.17 26.50 25.76
C GLN A 403 -12.20 26.99 24.76
N ALA A 404 -12.96 26.06 24.19
CA ALA A 404 -13.96 26.41 23.20
C ALA A 404 -15.05 27.28 23.80
N ASP A 405 -15.69 28.09 22.95
CA ASP A 405 -16.74 28.98 23.42
C ASP A 405 -17.88 28.22 24.10
N ALA A 406 -18.19 27.02 23.62
CA ALA A 406 -19.29 26.23 24.14
C ALA A 406 -20.63 26.94 23.88
N GLY B 9 -10.70 -47.51 -6.09
CA GLY B 9 -11.15 -46.18 -5.72
C GLY B 9 -11.66 -46.11 -4.30
N ALA B 10 -12.05 -47.26 -3.74
CA ALA B 10 -12.62 -47.33 -2.41
C ALA B 10 -11.57 -47.42 -1.31
N ARG B 11 -10.28 -47.36 -1.65
CA ARG B 11 -9.26 -47.49 -0.63
C ARG B 11 -9.18 -46.23 0.20
N VAL B 12 -8.87 -46.40 1.48
CA VAL B 12 -8.70 -45.29 2.42
C VAL B 12 -7.20 -45.05 2.56
N LEU B 13 -6.78 -43.83 2.20
CA LEU B 13 -5.38 -43.43 2.30
C LEU B 13 -5.21 -42.48 3.48
N GLN B 14 -4.14 -42.67 4.23
CA GLN B 14 -3.82 -41.82 5.36
C GLN B 14 -2.41 -41.30 5.17
N PHE B 15 -2.26 -39.99 5.06
CA PHE B 15 -0.96 -39.34 5.00
C PHE B 15 -0.61 -38.90 6.42
N THR B 16 0.52 -39.38 6.92
CA THR B 16 0.95 -39.13 8.29
C THR B 16 2.26 -38.37 8.28
N ASN B 17 2.68 -37.93 9.46
CA ASN B 17 3.94 -37.22 9.63
C ASN B 17 4.03 -36.05 8.65
N CYS B 18 3.00 -35.21 8.67
CA CYS B 18 2.89 -34.09 7.73
C CYS B 18 2.30 -32.88 8.44
N ARG B 19 2.73 -31.70 7.99
CA ARG B 19 2.07 -30.45 8.33
C ARG B 19 1.15 -30.09 7.16
N ILE B 20 -0.12 -29.81 7.46
CA ILE B 20 -1.11 -29.56 6.42
C ILE B 20 -1.62 -28.13 6.57
N LEU B 21 -1.89 -27.49 5.42
CA LEU B 21 -2.43 -26.13 5.41
C LEU B 21 -3.94 -26.18 5.53
N ARG B 22 -4.45 -25.73 6.68
CA ARG B 22 -5.87 -25.80 6.95
C ARG B 22 -6.25 -24.57 7.75
N GLY B 23 -7.25 -23.83 7.27
CA GLY B 23 -7.66 -22.62 7.98
C GLY B 23 -6.56 -21.61 8.16
N GLY B 24 -5.70 -21.45 7.16
CA GLY B 24 -4.65 -20.45 7.21
C GLY B 24 -3.47 -20.78 8.11
N LYS B 25 -3.41 -21.99 8.66
CA LYS B 25 -2.32 -22.41 9.54
C LYS B 25 -1.75 -23.73 9.05
N LEU B 26 -0.47 -23.94 9.32
CA LEU B 26 0.15 -25.25 9.12
C LEU B 26 -0.07 -26.07 10.38
N LEU B 27 -0.84 -27.15 10.27
CA LEU B 27 -1.22 -28.00 11.40
C LEU B 27 -0.54 -29.35 11.27
N ARG B 28 -0.07 -29.87 12.40
CA ARG B 28 0.45 -31.24 12.46
C ARG B 28 -0.73 -32.18 12.60
N GLU B 29 -1.23 -32.64 11.45
CA GLU B 29 -2.47 -33.38 11.34
C GLU B 29 -2.41 -34.25 10.11
N ASP B 30 -2.97 -35.45 10.22
CA ASP B 30 -2.99 -36.38 9.11
C ASP B 30 -4.03 -35.95 8.08
N LEU B 31 -3.80 -36.36 6.83
CA LEU B 31 -4.73 -36.14 5.74
C LEU B 31 -5.31 -37.48 5.33
N TRP B 32 -6.64 -37.60 5.40
CA TRP B 32 -7.34 -38.81 5.03
C TRP B 32 -8.07 -38.62 3.71
N VAL B 33 -8.01 -39.63 2.85
CA VAL B 33 -8.48 -39.51 1.48
C VAL B 33 -9.16 -40.82 1.08
N ARG B 34 -10.28 -40.70 0.36
CA ARG B 34 -10.87 -41.85 -0.31
C ARG B 34 -11.71 -41.35 -1.49
N GLY B 35 -11.63 -42.06 -2.61
CA GLY B 35 -12.37 -41.68 -3.78
C GLY B 35 -12.04 -40.29 -4.28
N GLY B 36 -10.80 -39.85 -4.09
CA GLY B 36 -10.38 -38.56 -4.59
C GLY B 36 -10.74 -37.38 -3.71
N ARG B 37 -11.28 -37.62 -2.51
CA ARG B 37 -11.81 -36.55 -1.67
C ARG B 37 -11.19 -36.64 -0.28
N ILE B 38 -11.13 -35.49 0.39
CA ILE B 38 -10.61 -35.42 1.75
C ILE B 38 -11.70 -35.83 2.72
N LEU B 39 -11.34 -36.60 3.75
CA LEU B 39 -12.31 -37.19 4.66
C LEU B 39 -12.18 -36.61 6.06
N ASP B 40 -13.31 -36.51 6.74
CA ASP B 40 -13.33 -36.14 8.15
C ASP B 40 -13.04 -37.41 8.96
N PRO B 41 -11.90 -37.49 9.64
CA PRO B 41 -11.58 -38.74 10.35
C PRO B 41 -12.56 -39.06 11.47
N GLU B 42 -13.05 -38.07 12.20
CA GLU B 42 -14.07 -38.36 13.21
C GLU B 42 -15.25 -39.09 12.58
N LYS B 43 -15.68 -38.65 11.39
CA LYS B 43 -16.83 -39.26 10.74
C LYS B 43 -16.49 -40.64 10.21
N LEU B 44 -15.31 -40.80 9.62
CA LEU B 44 -14.87 -42.11 9.16
C LEU B 44 -14.82 -43.10 10.32
N PHE B 45 -14.21 -42.70 11.44
CA PHE B 45 -14.06 -43.59 12.59
C PHE B 45 -15.40 -44.10 13.09
N PHE B 46 -16.38 -43.21 13.22
CA PHE B 46 -17.67 -43.64 13.75
C PHE B 46 -18.42 -44.52 12.77
N GLU B 47 -18.43 -44.15 11.49
CA GLU B 47 -19.30 -44.81 10.53
C GLU B 47 -18.68 -46.03 9.88
N GLU B 48 -17.36 -46.09 9.79
CA GLU B 48 -16.72 -47.19 9.06
C GLU B 48 -15.63 -47.87 9.88
N ARG B 49 -14.42 -47.33 9.86
CA ARG B 49 -13.29 -47.99 10.49
C ARG B 49 -12.26 -46.95 10.89
N ARG B 50 -11.21 -47.40 11.57
CA ARG B 50 -10.14 -46.54 12.05
C ARG B 50 -8.81 -46.79 11.36
N VAL B 51 -8.70 -47.86 10.59
CA VAL B 51 -7.42 -48.26 10.00
C VAL B 51 -7.48 -48.04 8.50
N ALA B 52 -6.54 -47.24 8.01
CA ALA B 52 -6.40 -46.97 6.59
C ALA B 52 -5.91 -48.23 5.88
N ASP B 53 -6.23 -48.33 4.60
CA ASP B 53 -5.66 -49.39 3.79
C ASP B 53 -4.22 -49.11 3.41
N GLU B 54 -3.74 -47.88 3.59
CA GLU B 54 -2.37 -47.54 3.23
C GLU B 54 -1.96 -46.30 4.01
N ARG B 55 -0.80 -46.36 4.64
CA ARG B 55 -0.20 -45.23 5.34
C ARG B 55 0.98 -44.73 4.53
N ARG B 56 1.11 -43.40 4.43
CA ARG B 56 2.22 -42.78 3.71
C ARG B 56 2.86 -41.74 4.62
N ASP B 57 4.10 -42.00 5.00
CA ASP B 57 4.87 -41.10 5.87
C ASP B 57 5.45 -39.98 5.02
N CYS B 58 5.17 -38.74 5.38
CA CYS B 58 5.58 -37.59 4.60
C CYS B 58 6.84 -36.93 5.11
N GLY B 59 7.55 -37.56 6.06
CA GLY B 59 8.84 -37.04 6.50
C GLY B 59 8.78 -35.64 7.07
N GLY B 60 7.65 -35.25 7.65
CA GLY B 60 7.51 -33.93 8.20
C GLY B 60 7.27 -32.83 7.18
N ARG B 61 7.07 -33.17 5.91
CA ARG B 61 6.95 -32.14 4.90
C ARG B 61 5.54 -31.54 4.94
N ILE B 62 5.35 -30.50 4.14
CA ILE B 62 4.11 -29.73 4.12
C ILE B 62 3.23 -30.27 3.01
N LEU B 63 1.94 -30.44 3.32
CA LEU B 63 0.93 -30.71 2.31
C LEU B 63 0.09 -29.45 2.16
N ALA B 64 -0.04 -28.96 0.93
CA ALA B 64 -0.82 -27.76 0.67
C ALA B 64 -1.68 -28.00 -0.55
N PRO B 65 -2.83 -27.32 -0.65
CA PRO B 65 -3.69 -27.49 -1.83
C PRO B 65 -2.95 -27.17 -3.12
N GLY B 66 -3.25 -27.96 -4.15
CA GLY B 66 -2.57 -27.78 -5.42
C GLY B 66 -2.81 -26.40 -6.00
N PHE B 67 -1.78 -25.88 -6.68
CA PHE B 67 -1.85 -24.52 -7.21
C PHE B 67 -2.84 -24.46 -8.37
N ILE B 68 -3.48 -23.30 -8.52
CA ILE B 68 -4.45 -23.05 -9.58
C ILE B 68 -4.00 -21.81 -10.36
N ASP B 69 -3.70 -21.97 -11.65
CA ASP B 69 -3.17 -20.89 -12.48
C ASP B 69 -4.27 -20.44 -13.44
N VAL B 70 -4.86 -19.26 -13.19
CA VAL B 70 -6.01 -18.82 -13.97
C VAL B 70 -5.58 -17.96 -15.16
N GLN B 71 -4.28 -17.82 -15.40
CA GLN B 71 -3.81 -17.07 -16.56
C GLN B 71 -2.49 -17.66 -17.06
N ILE B 72 -2.57 -18.46 -18.12
CA ILE B 72 -1.40 -19.07 -18.73
C ILE B 72 -1.68 -19.25 -20.22
N ASN B 73 -0.81 -18.72 -21.07
CA ASN B 73 -1.09 -18.63 -22.50
C ASN B 73 -0.52 -19.81 -23.29
N GLY B 74 0.14 -20.74 -22.63
CA GLY B 74 0.81 -21.82 -23.30
C GLY B 74 2.03 -22.24 -22.51
N GLY B 75 2.95 -22.89 -23.20
CA GLY B 75 4.20 -23.29 -22.57
C GLY B 75 4.83 -24.44 -23.30
N PHE B 76 6.15 -24.55 -23.12
CA PHE B 76 6.92 -25.68 -23.65
C PHE B 76 6.75 -25.82 -25.15
N GLY B 77 6.58 -24.68 -25.83
CA GLY B 77 6.39 -24.65 -27.27
C GLY B 77 4.96 -24.53 -27.71
N VAL B 78 4.01 -24.77 -26.81
CA VAL B 78 2.60 -24.75 -27.14
C VAL B 78 2.07 -23.33 -26.98
N ASP B 79 1.27 -22.90 -27.96
CA ASP B 79 0.62 -21.60 -27.95
C ASP B 79 -0.88 -21.85 -28.09
N PHE B 80 -1.62 -21.61 -27.00
CA PHE B 80 -3.05 -21.90 -27.02
C PHE B 80 -3.80 -21.08 -28.04
N SER B 81 -3.26 -19.93 -28.45
CA SER B 81 -3.94 -19.04 -29.38
C SER B 81 -3.64 -19.35 -30.85
N GLN B 82 -3.25 -20.59 -31.15
CA GLN B 82 -3.00 -21.03 -32.52
C GLN B 82 -3.96 -22.15 -32.87
N ALA B 83 -4.62 -22.02 -34.03
CA ALA B 83 -5.54 -23.05 -34.51
C ALA B 83 -4.73 -24.11 -35.25
N THR B 84 -4.14 -25.02 -34.47
CA THR B 84 -3.31 -26.06 -35.04
C THR B 84 -4.15 -27.31 -35.31
N GLU B 85 -3.50 -28.32 -35.87
CA GLU B 85 -4.21 -29.55 -36.25
C GLU B 85 -4.71 -30.29 -35.02
N ASP B 86 -3.93 -30.32 -33.95
CA ASP B 86 -4.34 -30.97 -32.70
C ASP B 86 -4.17 -29.97 -31.57
N VAL B 87 -5.20 -29.13 -31.39
CA VAL B 87 -5.21 -28.19 -30.28
C VAL B 87 -5.20 -28.93 -28.95
N GLY B 88 -5.95 -30.04 -28.88
CA GLY B 88 -6.06 -30.76 -27.62
C GLY B 88 -4.74 -31.34 -27.14
N SER B 89 -3.91 -31.78 -28.08
CA SER B 89 -2.61 -32.34 -27.70
C SER B 89 -1.72 -31.28 -27.05
N GLY B 90 -1.76 -30.05 -27.55
CA GLY B 90 -0.97 -28.99 -26.94
C GLY B 90 -1.43 -28.70 -25.52
N VAL B 91 -2.75 -28.64 -25.31
CA VAL B 91 -3.26 -28.40 -23.96
C VAL B 91 -2.85 -29.53 -23.02
N ALA B 92 -2.94 -30.77 -23.49
CA ALA B 92 -2.59 -31.91 -22.65
C ALA B 92 -1.10 -31.93 -22.32
N LEU B 93 -0.26 -31.52 -23.26
CA LEU B 93 1.17 -31.42 -22.99
C LEU B 93 1.44 -30.43 -21.86
N VAL B 94 0.92 -29.21 -21.99
CA VAL B 94 1.11 -28.21 -20.95
C VAL B 94 0.54 -28.71 -19.63
N ALA B 95 -0.69 -29.23 -19.65
CA ALA B 95 -1.32 -29.73 -18.43
C ALA B 95 -0.43 -30.76 -17.74
N ARG B 96 0.23 -31.62 -18.52
CA ARG B 96 1.11 -32.63 -17.95
C ARG B 96 2.35 -31.99 -17.34
N ARG B 97 2.98 -31.07 -18.07
CA ARG B 97 4.26 -30.51 -17.64
C ARG B 97 4.11 -29.67 -16.37
N ILE B 98 2.99 -28.95 -16.23
CA ILE B 98 2.86 -28.05 -15.08
C ILE B 98 2.56 -28.79 -13.78
N LEU B 99 2.32 -30.09 -13.84
CA LEU B 99 2.28 -30.88 -12.60
C LEU B 99 3.58 -30.73 -11.81
N SER B 100 4.71 -30.63 -12.52
CA SER B 100 6.00 -30.47 -11.87
C SER B 100 6.16 -29.08 -11.26
N HIS B 101 5.27 -28.14 -11.59
CA HIS B 101 5.25 -26.83 -10.97
C HIS B 101 4.27 -26.75 -9.79
N GLY B 102 3.67 -27.87 -9.41
CA GLY B 102 2.68 -27.88 -8.35
C GLY B 102 1.28 -27.49 -8.78
N VAL B 103 1.05 -27.35 -10.08
CA VAL B 103 -0.25 -26.88 -10.57
C VAL B 103 -1.13 -28.08 -10.86
N THR B 104 -2.32 -28.09 -10.25
CA THR B 104 -3.29 -29.14 -10.45
C THR B 104 -4.56 -28.69 -11.18
N SER B 105 -4.78 -27.38 -11.36
CA SER B 105 -5.88 -26.87 -12.17
C SER B 105 -5.43 -25.59 -12.86
N PHE B 106 -5.94 -25.33 -14.06
CA PHE B 106 -5.58 -24.10 -14.74
C PHE B 106 -6.62 -23.71 -15.77
N CYS B 107 -6.55 -22.43 -16.17
CA CYS B 107 -7.40 -21.88 -17.22
C CYS B 107 -6.56 -21.58 -18.45
N PRO B 108 -6.53 -22.44 -19.46
CA PRO B 108 -5.87 -22.07 -20.72
C PRO B 108 -6.34 -20.71 -21.19
N THR B 109 -5.39 -19.83 -21.52
CA THR B 109 -5.68 -18.44 -21.81
C THR B 109 -5.38 -18.15 -23.28
N LEU B 110 -6.35 -17.54 -23.96
CA LEU B 110 -6.18 -17.09 -25.33
C LEU B 110 -6.07 -15.57 -25.36
N VAL B 111 -5.20 -15.07 -26.22
CA VAL B 111 -4.98 -13.64 -26.37
C VAL B 111 -5.70 -13.15 -27.61
N THR B 112 -5.83 -11.84 -27.73
CA THR B 112 -6.46 -11.15 -28.85
C THR B 112 -6.12 -11.81 -30.19
N SER B 113 -7.15 -12.35 -30.85
CA SER B 113 -6.99 -13.11 -32.07
C SER B 113 -8.11 -12.79 -33.05
N PRO B 114 -7.99 -13.17 -34.32
CA PRO B 114 -9.12 -13.03 -35.23
C PRO B 114 -10.26 -13.94 -34.82
N PRO B 115 -11.51 -13.57 -35.11
CA PRO B 115 -12.65 -14.43 -34.76
C PRO B 115 -12.49 -15.88 -35.19
N GLU B 116 -11.99 -16.13 -36.41
CA GLU B 116 -11.86 -17.51 -36.88
C GLU B 116 -11.01 -18.35 -35.94
N VAL B 117 -9.99 -17.76 -35.31
CA VAL B 117 -9.18 -18.51 -34.36
C VAL B 117 -10.04 -18.96 -33.19
N TYR B 118 -10.82 -18.05 -32.60
CA TYR B 118 -11.70 -18.42 -31.50
C TYR B 118 -12.68 -19.51 -31.93
N HIS B 119 -13.25 -19.37 -33.13
CA HIS B 119 -14.24 -20.34 -33.59
C HIS B 119 -13.65 -21.74 -33.71
N LYS B 120 -12.38 -21.83 -34.09
CA LYS B 120 -11.75 -23.15 -34.22
C LYS B 120 -11.22 -23.68 -32.89
N VAL B 121 -10.64 -22.81 -32.08
CA VAL B 121 -9.92 -23.27 -30.88
C VAL B 121 -10.87 -23.48 -29.70
N VAL B 122 -11.77 -22.53 -29.46
CA VAL B 122 -12.58 -22.58 -28.23
C VAL B 122 -13.29 -23.92 -28.06
N PRO B 123 -14.03 -24.45 -29.04
CA PRO B 123 -14.72 -25.73 -28.83
C PRO B 123 -13.78 -26.90 -28.57
N GLN B 124 -12.50 -26.76 -28.89
CA GLN B 124 -11.54 -27.85 -28.72
C GLN B 124 -10.92 -27.89 -27.32
N ILE B 125 -11.27 -26.96 -26.44
CA ILE B 125 -10.69 -26.95 -25.10
C ILE B 125 -11.82 -26.92 -24.08
N PRO B 126 -12.47 -28.05 -23.82
CA PRO B 126 -13.51 -28.10 -22.79
C PRO B 126 -12.92 -28.30 -21.40
N VAL B 127 -13.78 -28.15 -20.40
CA VAL B 127 -13.42 -28.51 -19.03
C VAL B 127 -12.99 -29.97 -18.99
N LYS B 128 -12.00 -30.27 -18.16
CA LYS B 128 -11.58 -31.65 -17.94
C LYS B 128 -10.99 -31.82 -16.56
N SER B 129 -11.43 -32.85 -15.85
CA SER B 129 -10.88 -33.17 -14.54
C SER B 129 -9.40 -33.54 -14.65
N GLY B 130 -8.67 -33.27 -13.59
CA GLY B 130 -7.27 -33.62 -13.53
C GLY B 130 -7.04 -35.10 -13.27
N GLY B 131 -5.81 -35.52 -13.51
CA GLY B 131 -5.41 -36.90 -13.34
C GLY B 131 -3.96 -37.09 -13.73
N PRO B 132 -3.54 -38.34 -13.91
CA PRO B 132 -2.16 -38.60 -14.36
C PRO B 132 -1.84 -37.92 -15.69
N HIS B 133 -2.86 -37.63 -16.50
CA HIS B 133 -2.67 -36.96 -17.79
C HIS B 133 -2.27 -35.50 -17.63
N GLY B 134 -2.53 -34.90 -16.49
CA GLY B 134 -2.13 -33.52 -16.27
C GLY B 134 -3.14 -32.78 -15.42
N ALA B 135 -2.82 -31.52 -15.17
CA ALA B 135 -3.69 -30.65 -14.39
C ALA B 135 -5.04 -30.51 -15.07
N GLY B 136 -6.07 -30.27 -14.25
CA GLY B 136 -7.42 -30.11 -14.78
C GLY B 136 -7.62 -28.77 -15.45
N VAL B 137 -8.43 -28.78 -16.50
CA VAL B 137 -8.81 -27.57 -17.21
C VAL B 137 -10.13 -27.06 -16.63
N LEU B 138 -10.09 -25.88 -16.02
CA LEU B 138 -11.27 -25.27 -15.41
C LEU B 138 -12.12 -24.49 -16.41
N GLY B 139 -11.65 -24.35 -17.63
CA GLY B 139 -12.27 -23.48 -18.61
C GLY B 139 -11.30 -22.46 -19.15
N LEU B 140 -11.72 -21.81 -20.23
CA LEU B 140 -10.86 -20.89 -20.94
C LEU B 140 -10.89 -19.51 -20.30
N HIS B 141 -9.76 -18.85 -20.36
CA HIS B 141 -9.64 -17.44 -20.02
C HIS B 141 -9.36 -16.70 -21.32
N LEU B 142 -10.29 -15.87 -21.75
CA LEU B 142 -10.17 -15.11 -22.99
C LEU B 142 -9.75 -13.69 -22.65
N GLU B 143 -8.49 -13.36 -22.94
CA GLU B 143 -7.94 -12.04 -22.62
C GLU B 143 -7.91 -11.24 -23.92
N GLY B 144 -8.75 -10.21 -24.00
CA GLY B 144 -9.01 -9.52 -25.24
C GLY B 144 -10.03 -10.29 -26.05
N PRO B 145 -10.46 -9.73 -27.20
CA PRO B 145 -9.93 -8.52 -27.84
C PRO B 145 -10.60 -7.22 -27.43
N PHE B 146 -11.52 -7.28 -26.46
CA PHE B 146 -12.30 -6.10 -26.06
C PHE B 146 -11.55 -5.36 -24.96
N ILE B 147 -10.39 -4.82 -25.36
CA ILE B 147 -9.48 -4.13 -24.46
C ILE B 147 -9.04 -2.84 -25.12
N SER B 148 -8.35 -2.01 -24.33
CA SER B 148 -7.99 -0.68 -24.79
C SER B 148 -6.84 -0.74 -25.80
N ARG B 149 -6.89 0.19 -26.75
CA ARG B 149 -5.78 0.37 -27.68
C ARG B 149 -4.58 0.98 -26.97
N GLU B 150 -4.81 1.86 -26.01
CA GLU B 150 -3.72 2.53 -25.32
C GLU B 150 -2.97 1.59 -24.37
N LYS B 151 -3.60 0.52 -23.91
CA LYS B 151 -2.95 -0.43 -23.02
C LYS B 151 -3.01 -1.84 -23.58
N ARG B 152 -2.80 -1.98 -24.89
CA ARG B 152 -2.87 -3.29 -25.52
C ARG B 152 -1.70 -4.17 -25.13
N GLY B 153 -0.63 -3.59 -24.61
CA GLY B 153 0.55 -4.37 -24.25
C GLY B 153 1.04 -5.15 -25.45
N ALA B 154 1.12 -6.45 -25.31
CA ALA B 154 1.60 -7.35 -26.37
C ALA B 154 0.51 -7.78 -27.34
N HIS B 155 -0.74 -7.34 -27.15
CA HIS B 155 -1.83 -7.78 -28.00
C HIS B 155 -1.79 -7.05 -29.34
N PRO B 156 -2.09 -7.73 -30.46
CA PRO B 156 -1.96 -7.10 -31.77
C PRO B 156 -3.05 -6.04 -31.99
N GLU B 157 -2.62 -4.86 -32.43
CA GLU B 157 -3.55 -3.76 -32.65
C GLU B 157 -4.61 -4.12 -33.68
N ALA B 158 -4.23 -4.90 -34.70
CA ALA B 158 -5.13 -5.15 -35.83
C ALA B 158 -6.41 -5.88 -35.40
N HIS B 159 -6.36 -6.63 -34.31
CA HIS B 159 -7.47 -7.50 -33.95
C HIS B 159 -8.23 -7.04 -32.72
N LEU B 160 -7.93 -5.86 -32.19
CA LEU B 160 -8.73 -5.28 -31.12
C LEU B 160 -10.15 -5.02 -31.63
N ARG B 161 -11.12 -5.07 -30.71
CA ARG B 161 -12.51 -4.87 -31.05
C ARG B 161 -13.21 -4.08 -29.95
N SER B 162 -14.35 -3.49 -30.30
CA SER B 162 -15.17 -2.74 -29.36
C SER B 162 -16.58 -3.31 -29.31
N PHE B 163 -17.36 -2.81 -28.34
CA PHE B 163 -18.70 -3.33 -28.05
C PHE B 163 -19.82 -2.54 -28.70
N GLU B 164 -19.55 -1.31 -29.15
CA GLU B 164 -20.62 -0.33 -29.32
C GLU B 164 -21.70 -0.76 -30.31
N ALA B 165 -21.42 -1.70 -31.22
CA ALA B 165 -22.41 -2.07 -32.22
C ALA B 165 -23.67 -2.61 -31.55
N ASP B 166 -23.61 -3.83 -31.01
CA ASP B 166 -24.70 -4.39 -30.24
C ASP B 166 -24.15 -5.22 -29.08
N ALA B 167 -23.14 -4.69 -28.41
CA ALA B 167 -22.64 -5.20 -27.14
C ALA B 167 -22.43 -6.72 -27.15
N PHE B 168 -23.24 -7.44 -26.36
CA PHE B 168 -22.96 -8.85 -26.12
C PHE B 168 -23.05 -9.68 -27.38
N GLN B 169 -23.94 -9.32 -28.30
CA GLN B 169 -24.03 -10.10 -29.54
C GLN B 169 -22.77 -9.95 -30.38
N ASP B 170 -22.05 -8.83 -30.24
CA ASP B 170 -20.76 -8.70 -30.92
C ASP B 170 -19.71 -9.59 -30.27
N LEU B 171 -19.75 -9.71 -28.94
CA LEU B 171 -18.84 -10.62 -28.26
C LEU B 171 -19.12 -12.07 -28.63
N LEU B 172 -20.41 -12.45 -28.73
CA LEU B 172 -20.76 -13.82 -29.10
C LEU B 172 -20.33 -14.13 -30.53
N ALA B 173 -20.51 -13.18 -31.45
CA ALA B 173 -20.07 -13.39 -32.82
C ALA B 173 -18.55 -13.53 -32.89
N THR B 174 -17.83 -12.80 -32.05
CA THR B 174 -16.38 -12.83 -32.07
C THR B 174 -15.83 -14.14 -31.52
N TYR B 175 -16.27 -14.53 -30.32
CA TYR B 175 -15.73 -15.72 -29.66
C TYR B 175 -16.40 -17.00 -30.17
N GLY B 176 -17.65 -16.93 -30.60
CA GLY B 176 -18.45 -18.11 -30.81
C GLY B 176 -19.04 -18.57 -29.49
N PRO B 177 -19.71 -19.73 -29.51
CA PRO B 177 -20.32 -20.24 -28.27
C PRO B 177 -19.36 -20.22 -27.10
N LEU B 178 -19.89 -19.88 -25.92
CA LEU B 178 -19.10 -19.60 -24.74
C LEU B 178 -19.13 -20.75 -23.72
N ASP B 179 -19.65 -21.91 -24.10
CA ASP B 179 -19.80 -23.01 -23.15
C ASP B 179 -18.50 -23.32 -22.42
N ASN B 180 -17.36 -23.23 -23.12
CA ASN B 180 -16.07 -23.62 -22.56
C ASN B 180 -15.34 -22.46 -21.89
N VAL B 181 -15.95 -21.28 -21.79
CA VAL B 181 -15.27 -20.07 -21.32
C VAL B 181 -15.57 -19.87 -19.84
N ARG B 182 -14.53 -19.61 -19.05
CA ARG B 182 -14.66 -19.36 -17.63
C ARG B 182 -14.36 -17.91 -17.25
N ILE B 183 -13.47 -17.25 -17.96
CA ILE B 183 -13.03 -15.89 -17.63
C ILE B 183 -12.90 -15.08 -18.91
N VAL B 184 -13.31 -13.82 -18.84
CA VAL B 184 -13.10 -12.85 -19.90
C VAL B 184 -12.49 -11.59 -19.27
N THR B 185 -11.32 -11.18 -19.79
CA THR B 185 -10.73 -9.89 -19.46
C THR B 185 -11.16 -8.87 -20.51
N LEU B 186 -11.64 -7.73 -20.03
CA LEU B 186 -12.03 -6.63 -20.90
C LEU B 186 -11.67 -5.32 -20.21
N ALA B 187 -11.67 -4.25 -21.00
CA ALA B 187 -11.42 -2.91 -20.51
C ALA B 187 -12.76 -2.22 -20.28
N PRO B 188 -13.13 -1.85 -19.05
CA PRO B 188 -14.51 -1.39 -18.79
C PRO B 188 -14.82 -0.01 -19.34
N GLU B 189 -13.82 0.78 -19.73
CA GLU B 189 -14.12 2.08 -20.31
C GLU B 189 -14.74 1.99 -21.70
N LEU B 190 -14.68 0.83 -22.34
CA LEU B 190 -15.35 0.63 -23.62
C LEU B 190 -16.84 0.95 -23.49
N GLY B 191 -17.39 1.59 -24.51
CA GLY B 191 -18.82 1.87 -24.53
C GLY B 191 -19.62 0.59 -24.43
N ARG B 192 -20.67 0.63 -23.61
CA ARG B 192 -21.60 -0.49 -23.40
C ARG B 192 -20.99 -1.65 -22.66
N SER B 193 -19.85 -1.45 -21.96
CA SER B 193 -19.30 -2.54 -21.17
C SER B 193 -20.30 -3.02 -20.11
N HIS B 194 -21.11 -2.10 -19.57
CA HIS B 194 -22.08 -2.47 -18.56
C HIS B 194 -22.95 -3.64 -19.04
N GLU B 195 -23.52 -3.51 -20.23
CA GLU B 195 -24.40 -4.56 -20.77
C GLU B 195 -23.64 -5.87 -20.93
N VAL B 196 -22.40 -5.78 -21.41
CA VAL B 196 -21.62 -6.99 -21.65
C VAL B 196 -21.27 -7.67 -20.34
N ILE B 197 -20.86 -6.90 -19.34
CA ILE B 197 -20.50 -7.48 -18.05
C ILE B 197 -21.69 -8.20 -17.44
N ARG B 198 -22.85 -7.54 -17.47
CA ARG B 198 -24.07 -8.15 -16.96
C ARG B 198 -24.39 -9.46 -17.69
N ALA B 199 -24.30 -9.45 -19.02
CA ALA B 199 -24.62 -10.65 -19.78
C ALA B 199 -23.62 -11.78 -19.51
N LEU B 200 -22.34 -11.45 -19.34
CA LEU B 200 -21.34 -12.48 -19.10
C LEU B 200 -21.53 -13.12 -17.73
N THR B 201 -21.68 -12.31 -16.68
CA THR B 201 -21.84 -12.87 -15.34
C THR B 201 -23.16 -13.61 -15.21
N ALA B 202 -24.18 -13.23 -15.98
CA ALA B 202 -25.43 -13.98 -15.96
C ALA B 202 -25.23 -15.40 -16.46
N ARG B 203 -24.21 -15.63 -17.29
CA ARG B 203 -23.87 -16.94 -17.80
C ARG B 203 -22.78 -17.62 -16.97
N GLY B 204 -22.46 -17.09 -15.79
CA GLY B 204 -21.48 -17.72 -14.93
C GLY B 204 -20.04 -17.45 -15.27
N ILE B 205 -19.77 -16.55 -16.21
CA ILE B 205 -18.40 -16.25 -16.63
C ILE B 205 -17.84 -15.16 -15.74
N CYS B 206 -16.63 -15.37 -15.24
CA CYS B 206 -15.93 -14.36 -14.46
C CYS B 206 -15.46 -13.23 -15.37
N VAL B 207 -15.78 -11.99 -15.01
CA VAL B 207 -15.32 -10.82 -15.75
C VAL B 207 -14.15 -10.20 -15.00
N SER B 208 -13.05 -9.99 -15.72
CA SER B 208 -11.86 -9.38 -15.15
C SER B 208 -11.58 -8.08 -15.89
N LEU B 209 -11.04 -7.11 -15.15
CA LEU B 209 -10.70 -5.80 -15.70
C LEU B 209 -9.21 -5.74 -15.98
N GLY B 210 -8.83 -5.35 -17.19
CA GLY B 210 -7.43 -5.27 -17.53
C GLY B 210 -7.23 -4.63 -18.87
N HIS B 211 -5.95 -4.37 -19.18
CA HIS B 211 -5.56 -3.74 -20.44
C HIS B 211 -6.44 -2.52 -20.71
N SER B 212 -6.45 -1.60 -19.74
CA SER B 212 -7.49 -0.60 -19.63
C SER B 212 -6.91 0.75 -19.19
N VAL B 213 -7.48 1.82 -19.71
CA VAL B 213 -7.21 3.17 -19.22
C VAL B 213 -8.38 3.71 -18.38
N ALA B 214 -9.20 2.82 -17.81
CA ALA B 214 -10.32 3.22 -16.97
C ALA B 214 -9.82 3.86 -15.68
N ASP B 215 -10.62 4.80 -15.14
CA ASP B 215 -10.31 5.39 -13.84
C ASP B 215 -11.02 4.63 -12.72
N LEU B 216 -10.77 5.03 -11.47
CA LEU B 216 -11.27 4.26 -10.34
C LEU B 216 -12.79 4.17 -10.35
N ARG B 217 -13.48 5.28 -10.62
CA ARG B 217 -14.95 5.26 -10.61
C ARG B 217 -15.50 4.32 -11.69
N ALA B 218 -14.92 4.36 -12.89
CA ALA B 218 -15.34 3.44 -13.93
C ALA B 218 -15.06 2.00 -13.52
N ALA B 219 -13.94 1.76 -12.84
CA ALA B 219 -13.64 0.40 -12.37
C ALA B 219 -14.62 -0.03 -11.30
N GLU B 220 -14.99 0.88 -10.39
CA GLU B 220 -15.97 0.56 -9.35
C GLU B 220 -17.33 0.26 -9.99
N ASP B 221 -17.73 1.03 -11.00
CA ASP B 221 -18.96 0.75 -11.72
C ASP B 221 -18.94 -0.66 -12.31
N ALA B 222 -17.81 -1.06 -12.89
CA ALA B 222 -17.71 -2.38 -13.51
C ALA B 222 -17.81 -3.49 -12.48
N VAL B 223 -17.31 -3.27 -11.26
CA VAL B 223 -17.50 -4.26 -10.20
C VAL B 223 -18.98 -4.37 -9.84
N TRP B 224 -19.68 -3.24 -9.71
CA TRP B 224 -21.11 -3.30 -9.45
C TRP B 224 -21.86 -3.97 -10.59
N SER B 225 -21.33 -3.87 -11.82
CA SER B 225 -21.95 -4.56 -12.93
C SER B 225 -21.69 -6.06 -12.90
N GLY B 226 -20.69 -6.50 -12.14
CA GLY B 226 -20.44 -7.92 -12.00
C GLY B 226 -18.99 -8.36 -12.05
N ALA B 227 -18.05 -7.46 -12.35
CA ALA B 227 -16.65 -7.84 -12.43
C ALA B 227 -16.14 -8.23 -11.05
N THR B 228 -15.27 -9.25 -11.02
CA THR B 228 -14.73 -9.77 -9.76
C THR B 228 -13.22 -9.97 -9.77
N PHE B 229 -12.53 -9.65 -10.86
CA PHE B 229 -11.11 -9.91 -10.96
C PHE B 229 -10.42 -8.73 -11.62
N ILE B 230 -9.13 -8.56 -11.32
CA ILE B 230 -8.26 -7.63 -12.01
C ILE B 230 -7.12 -8.43 -12.62
N THR B 231 -6.86 -8.21 -13.91
CA THR B 231 -5.86 -8.96 -14.64
C THR B 231 -4.49 -8.33 -14.47
N HIS B 232 -3.54 -9.14 -14.00
CA HIS B 232 -2.16 -8.75 -13.65
C HIS B 232 -2.02 -7.28 -13.27
N LEU B 233 -2.38 -6.99 -12.03
CA LEU B 233 -2.30 -5.64 -11.46
C LEU B 233 -0.96 -4.97 -11.75
N PHE B 234 -1.05 -3.69 -12.10
CA PHE B 234 0.07 -2.81 -12.45
C PHE B 234 0.47 -2.95 -13.91
N ASN B 235 0.32 -4.14 -14.49
CA ASN B 235 0.72 -4.37 -15.88
C ASN B 235 -0.44 -4.02 -16.82
N ALA B 236 -0.15 -3.22 -17.85
CA ALA B 236 -1.13 -2.85 -18.87
C ALA B 236 -2.34 -2.13 -18.26
N MET B 237 -2.06 -1.21 -17.35
CA MET B 237 -3.08 -0.32 -16.81
C MET B 237 -2.40 0.96 -16.37
N LEU B 238 -3.21 2.00 -16.18
CA LEU B 238 -2.67 3.28 -15.74
C LEU B 238 -2.10 3.11 -14.33
N PRO B 239 -0.99 3.77 -14.03
CA PRO B 239 -0.37 3.65 -12.71
C PRO B 239 -1.22 4.33 -11.62
N PHE B 240 -0.84 4.06 -10.38
CA PHE B 240 -1.46 4.73 -9.26
C PHE B 240 -0.94 6.17 -9.15
N HIS B 241 -1.87 7.12 -9.10
CA HIS B 241 -1.58 8.51 -8.80
C HIS B 241 -2.42 8.95 -7.61
N HIS B 242 -1.84 9.83 -6.79
CA HIS B 242 -2.49 10.22 -5.53
C HIS B 242 -3.74 11.07 -5.73
N ARG B 243 -3.96 11.64 -6.91
CA ARG B 243 -5.23 12.30 -7.23
C ARG B 243 -5.92 11.64 -8.43
N ASP B 244 -5.55 10.40 -8.75
CA ASP B 244 -6.12 9.63 -9.85
C ASP B 244 -5.70 8.17 -9.62
N PRO B 245 -6.30 7.49 -8.65
CA PRO B 245 -5.78 6.17 -8.22
C PRO B 245 -5.85 5.09 -9.29
N GLY B 246 -6.84 5.15 -10.19
CA GLY B 246 -6.99 4.13 -11.20
C GLY B 246 -7.44 2.80 -10.60
N ILE B 247 -7.16 1.74 -11.37
CA ILE B 247 -7.64 0.41 -11.02
C ILE B 247 -6.98 -0.09 -9.75
N VAL B 248 -5.72 0.28 -9.50
CA VAL B 248 -5.07 -0.07 -8.24
C VAL B 248 -5.89 0.42 -7.06
N GLY B 249 -6.64 1.52 -7.23
CA GLY B 249 -7.48 2.04 -6.18
C GLY B 249 -8.60 1.10 -5.77
N LEU B 250 -8.93 0.08 -6.58
CA LEU B 250 -9.92 -0.89 -6.15
C LEU B 250 -9.48 -1.64 -4.90
N LEU B 251 -8.17 -1.82 -4.73
CA LEU B 251 -7.66 -2.59 -3.58
C LEU B 251 -7.99 -1.92 -2.26
N THR B 252 -8.21 -0.62 -2.24
CA THR B 252 -8.56 0.09 -1.02
C THR B 252 -9.96 0.68 -1.06
N SER B 253 -10.74 0.37 -2.10
CA SER B 253 -12.06 0.98 -2.24
C SER B 253 -13.04 0.45 -1.21
N ASP B 254 -13.81 1.36 -0.62
CA ASP B 254 -14.94 1.00 0.23
C ASP B 254 -16.27 1.26 -0.47
N ARG B 255 -16.26 1.36 -1.81
CA ARG B 255 -17.49 1.66 -2.55
C ARG B 255 -17.96 0.49 -3.40
N LEU B 256 -17.48 -0.71 -3.11
CA LEU B 256 -17.89 -1.92 -3.80
C LEU B 256 -19.05 -2.57 -3.06
N PRO B 257 -19.70 -3.57 -3.65
CA PRO B 257 -20.78 -4.26 -2.94
C PRO B 257 -20.28 -4.80 -1.61
N ALA B 258 -21.12 -4.68 -0.58
CA ALA B 258 -20.69 -5.05 0.76
C ALA B 258 -20.29 -6.51 0.79
N GLY B 259 -19.17 -6.79 1.46
CA GLY B 259 -18.70 -8.13 1.60
C GLY B 259 -17.91 -8.66 0.43
N ARG B 260 -17.81 -7.91 -0.67
CA ARG B 260 -17.15 -8.46 -1.84
C ARG B 260 -15.66 -8.18 -1.76
N CYS B 261 -14.89 -9.24 -1.98
CA CYS B 261 -13.44 -9.19 -2.01
C CYS B 261 -13.05 -9.10 -3.48
N ILE B 262 -12.44 -7.99 -3.86
CA ILE B 262 -11.95 -7.88 -5.23
C ILE B 262 -10.67 -8.70 -5.30
N PHE B 263 -10.61 -9.61 -6.27
CA PHE B 263 -9.40 -10.40 -6.49
C PHE B 263 -8.57 -9.75 -7.60
N TYR B 264 -7.27 -9.95 -7.53
CA TYR B 264 -6.37 -9.32 -8.49
C TYR B 264 -5.17 -10.23 -8.73
N GLY B 265 -4.83 -10.40 -10.00
CA GLY B 265 -3.68 -11.19 -10.35
C GLY B 265 -2.39 -10.41 -10.19
N MET B 266 -1.33 -11.13 -9.83
CA MET B 266 0.00 -10.55 -9.79
C MET B 266 0.99 -11.55 -10.36
N ILE B 267 1.84 -11.06 -11.27
CA ILE B 267 2.93 -11.84 -11.83
C ILE B 267 4.16 -11.63 -10.97
N ALA B 268 4.47 -12.63 -10.14
CA ALA B 268 5.63 -12.54 -9.25
C ALA B 268 6.81 -13.32 -9.83
N ASP B 269 7.26 -12.89 -11.00
CA ASP B 269 8.38 -13.55 -11.68
C ASP B 269 9.70 -12.83 -11.44
N GLY B 270 9.66 -11.69 -10.76
CA GLY B 270 10.82 -10.87 -10.51
C GLY B 270 11.14 -9.88 -11.62
N THR B 271 10.41 -9.89 -12.74
CA THR B 271 10.63 -8.96 -13.82
C THR B 271 9.44 -8.05 -14.09
N HIS B 272 8.22 -8.56 -13.96
CA HIS B 272 7.03 -7.76 -14.28
C HIS B 272 6.76 -6.70 -13.22
N THR B 273 7.06 -6.99 -11.96
CA THR B 273 6.87 -6.03 -10.87
C THR B 273 8.04 -6.18 -9.90
N ASN B 274 8.43 -5.06 -9.30
CA ASN B 274 9.48 -5.04 -8.29
C ASN B 274 8.89 -5.45 -6.94
N PRO B 275 9.76 -5.76 -5.96
CA PRO B 275 9.22 -6.17 -4.66
C PRO B 275 8.31 -5.13 -4.02
N ALA B 276 8.56 -3.85 -4.24
CA ALA B 276 7.70 -2.82 -3.65
C ALA B 276 6.25 -2.97 -4.09
N ALA B 277 6.03 -3.37 -5.35
CA ALA B 277 4.67 -3.50 -5.85
C ALA B 277 3.96 -4.70 -5.23
N LEU B 278 4.67 -5.81 -5.07
CA LEU B 278 4.11 -6.98 -4.41
C LEU B 278 3.80 -6.69 -2.96
N ARG B 279 4.69 -5.95 -2.28
CA ARG B 279 4.47 -5.62 -0.88
C ARG B 279 3.29 -4.69 -0.71
N ILE B 280 3.20 -3.64 -1.52
CA ILE B 280 2.18 -2.63 -1.30
C ILE B 280 0.79 -3.21 -1.56
N ALA B 281 0.65 -4.07 -2.57
CA ALA B 281 -0.63 -4.72 -2.83
C ALA B 281 -0.98 -5.71 -1.72
N HIS B 282 -0.02 -6.57 -1.35
CA HIS B 282 -0.27 -7.56 -0.30
C HIS B 282 -0.64 -6.91 1.02
N ARG B 283 -0.03 -5.76 1.32
CA ARG B 283 -0.35 -5.06 2.57
C ARG B 283 -1.68 -4.31 2.49
N ALA B 284 -2.03 -3.79 1.32
CA ALA B 284 -3.29 -3.06 1.17
C ALA B 284 -4.49 -4.01 1.16
N HIS B 285 -4.37 -5.15 0.50
CA HIS B 285 -5.51 -6.04 0.29
C HIS B 285 -5.01 -7.49 0.14
N PRO B 286 -4.58 -8.11 1.25
CA PRO B 286 -3.98 -9.45 1.14
C PRO B 286 -4.93 -10.52 0.66
N GLN B 287 -6.20 -10.46 1.06
CA GLN B 287 -7.17 -11.51 0.79
C GLN B 287 -7.46 -11.67 -0.69
N GLY B 288 -7.24 -10.64 -1.49
CA GLY B 288 -7.56 -10.70 -2.90
C GLY B 288 -6.41 -11.10 -3.81
N LEU B 289 -5.20 -11.27 -3.29
CA LEU B 289 -4.05 -11.47 -4.16
C LEU B 289 -4.06 -12.87 -4.75
N VAL B 290 -3.99 -12.95 -6.08
CA VAL B 290 -3.97 -14.21 -6.81
C VAL B 290 -2.68 -14.23 -7.62
N LEU B 291 -1.84 -15.23 -7.38
CA LEU B 291 -0.64 -15.40 -8.18
C LEU B 291 -1.02 -16.05 -9.50
N VAL B 292 -0.57 -15.46 -10.60
CA VAL B 292 -0.73 -16.03 -11.95
C VAL B 292 0.66 -16.07 -12.59
N THR B 293 0.86 -17.03 -13.51
CA THR B 293 2.13 -17.06 -14.22
C THR B 293 2.11 -16.12 -15.43
N ASP B 294 0.96 -16.01 -16.09
CA ASP B 294 0.88 -15.35 -17.39
C ASP B 294 1.97 -15.89 -18.31
N ALA B 295 2.22 -17.20 -18.20
CA ALA B 295 3.32 -17.82 -18.92
C ALA B 295 3.08 -17.78 -20.43
N ILE B 296 4.16 -17.54 -21.17
CA ILE B 296 4.10 -17.48 -22.63
C ILE B 296 4.54 -18.83 -23.20
N PRO B 297 4.31 -19.08 -24.49
CA PRO B 297 4.68 -20.38 -25.05
C PRO B 297 6.15 -20.75 -24.88
N ALA B 298 7.03 -19.77 -24.68
CA ALA B 298 8.46 -20.05 -24.54
C ALA B 298 8.84 -20.53 -23.15
N LEU B 299 7.89 -20.66 -22.23
CA LEU B 299 8.16 -21.19 -20.91
C LEU B 299 8.84 -22.54 -21.02
N GLY B 300 9.96 -22.70 -20.31
CA GLY B 300 10.69 -23.95 -20.30
C GLY B 300 11.57 -24.20 -21.50
N LEU B 301 11.71 -23.25 -22.42
CA LEU B 301 12.49 -23.46 -23.64
C LEU B 301 13.82 -22.71 -23.68
N GLY B 302 14.09 -21.83 -22.72
CA GLY B 302 15.27 -21.01 -22.81
C GLY B 302 15.10 -19.93 -23.88
N ASN B 303 16.21 -19.31 -24.24
CA ASN B 303 16.20 -18.21 -25.19
C ASN B 303 15.86 -18.71 -26.61
N GLY B 304 15.46 -17.77 -27.46
CA GLY B 304 15.09 -18.01 -28.86
C GLY B 304 13.92 -17.14 -29.29
N ARG B 305 13.32 -17.40 -30.45
CA ARG B 305 12.15 -16.62 -30.89
C ARG B 305 11.00 -17.63 -31.04
N HIS B 306 9.81 -17.31 -30.56
CA HIS B 306 8.62 -18.20 -30.62
C HIS B 306 7.38 -17.32 -30.87
N THR B 307 6.18 -17.86 -30.73
CA THR B 307 4.96 -17.08 -31.02
C THR B 307 4.16 -16.83 -29.75
N LEU B 308 3.27 -15.85 -29.79
CA LEU B 308 2.24 -15.58 -28.78
C LEU B 308 1.00 -15.09 -29.55
N GLY B 309 0.14 -16.03 -29.92
CA GLY B 309 -1.02 -15.69 -30.73
C GLY B 309 -0.57 -15.21 -32.09
N GLN B 310 -0.96 -13.97 -32.44
CA GLN B 310 -0.62 -13.39 -33.73
C GLN B 310 0.72 -12.68 -33.72
N GLN B 311 1.38 -12.59 -32.58
CA GLN B 311 2.64 -11.86 -32.46
C GLN B 311 3.81 -12.81 -32.24
N GLU B 312 5.00 -12.31 -32.53
CA GLU B 312 6.25 -13.04 -32.37
C GLU B 312 7.02 -12.49 -31.17
N VAL B 313 7.65 -13.39 -30.40
CA VAL B 313 8.30 -13.03 -29.13
C VAL B 313 9.77 -13.41 -29.15
N GLU B 314 10.60 -12.51 -28.64
CA GLU B 314 12.05 -12.71 -28.49
C GLU B 314 12.39 -12.89 -27.01
N VAL B 315 12.78 -14.10 -26.66
CA VAL B 315 13.22 -14.43 -25.30
C VAL B 315 14.74 -14.42 -25.27
N ASP B 316 15.31 -13.55 -24.44
CA ASP B 316 16.74 -13.54 -24.20
C ASP B 316 16.97 -13.17 -22.75
N GLY B 317 17.90 -13.87 -22.10
CA GLY B 317 18.01 -13.79 -20.66
C GLY B 317 16.83 -14.50 -20.03
N LEU B 318 16.25 -13.89 -19.00
CA LEU B 318 15.02 -14.38 -18.38
C LEU B 318 13.84 -13.46 -18.70
N THR B 319 13.85 -12.82 -19.86
CA THR B 319 12.90 -11.78 -20.19
C THR B 319 12.35 -11.99 -21.60
N ALA B 320 11.03 -11.89 -21.74
CA ALA B 320 10.35 -12.11 -23.01
C ALA B 320 9.74 -10.79 -23.48
N TYR B 321 10.31 -10.23 -24.53
CA TYR B 321 9.81 -8.99 -25.13
C TYR B 321 9.09 -9.31 -26.43
N VAL B 322 8.12 -8.47 -26.79
CA VAL B 322 7.63 -8.50 -28.16
C VAL B 322 8.77 -8.07 -29.06
N ALA B 323 9.05 -8.89 -30.07
CA ALA B 323 10.22 -8.70 -30.92
C ALA B 323 10.28 -7.28 -31.49
N GLY B 324 11.49 -6.71 -31.48
CA GLY B 324 11.72 -5.38 -31.99
C GLY B 324 11.28 -4.30 -31.05
N THR B 325 10.73 -4.67 -29.90
CA THR B 325 10.26 -3.73 -28.90
C THR B 325 10.87 -4.13 -27.56
N LYS B 326 10.69 -3.27 -26.57
CA LYS B 326 10.97 -3.63 -25.19
C LYS B 326 9.68 -3.71 -24.39
N THR B 327 8.62 -4.18 -25.03
CA THR B 327 7.32 -4.41 -24.40
C THR B 327 7.28 -5.86 -23.93
N LEU B 328 7.13 -6.08 -22.63
CA LEU B 328 7.08 -7.43 -22.11
C LEU B 328 5.88 -8.17 -22.70
N SER B 329 6.12 -9.42 -23.12
CA SER B 329 5.09 -10.28 -23.66
C SER B 329 4.42 -11.09 -22.57
N GLY B 330 5.19 -11.53 -21.60
CA GLY B 330 4.69 -12.40 -20.55
C GLY B 330 5.87 -12.98 -19.79
N SER B 331 5.55 -13.96 -18.97
CA SER B 331 6.50 -14.54 -18.05
C SER B 331 6.96 -15.89 -18.55
N ILE B 332 8.15 -16.27 -18.10
CA ILE B 332 8.67 -17.62 -18.32
C ILE B 332 8.93 -18.24 -16.95
N ALA B 333 8.18 -17.78 -15.93
CA ALA B 333 8.37 -18.25 -14.56
C ALA B 333 7.31 -19.28 -14.21
N PRO B 334 7.68 -20.50 -13.83
CA PRO B 334 6.67 -21.47 -13.37
C PRO B 334 6.00 -21.02 -12.08
N MET B 335 4.82 -21.58 -11.82
CA MET B 335 4.03 -21.16 -10.65
C MET B 335 4.81 -21.34 -9.36
N ASP B 336 5.48 -22.47 -9.18
CA ASP B 336 6.21 -22.70 -7.94
C ASP B 336 7.35 -21.69 -7.78
N VAL B 337 7.96 -21.28 -8.89
CA VAL B 337 8.94 -20.19 -8.85
C VAL B 337 8.28 -18.88 -8.41
N CYS B 338 7.07 -18.60 -8.91
CA CYS B 338 6.34 -17.41 -8.50
C CYS B 338 6.00 -17.44 -7.02
N VAL B 339 5.60 -18.61 -6.52
CA VAL B 339 5.26 -18.73 -5.10
C VAL B 339 6.47 -18.38 -4.25
N ARG B 340 7.63 -18.96 -4.58
CA ARG B 340 8.83 -18.69 -3.79
C ARG B 340 9.27 -17.24 -3.92
N HIS B 341 9.14 -16.65 -5.12
CA HIS B 341 9.53 -15.25 -5.26
C HIS B 341 8.59 -14.34 -4.47
N PHE B 342 7.29 -14.60 -4.52
CA PHE B 342 6.35 -13.83 -3.72
C PHE B 342 6.70 -13.93 -2.24
N LEU B 343 6.98 -15.13 -1.76
CA LEU B 343 7.36 -15.34 -0.36
C LEU B 343 8.59 -14.51 0.00
N GLN B 344 9.62 -14.57 -0.85
CA GLN B 344 10.87 -13.90 -0.54
C GLN B 344 10.72 -12.39 -0.61
N ALA B 345 9.95 -11.90 -1.60
CA ALA B 345 9.87 -10.45 -1.84
C ALA B 345 9.01 -9.75 -0.78
N THR B 346 7.97 -10.40 -0.30
CA THR B 346 7.06 -9.78 0.66
C THR B 346 7.41 -10.10 2.10
N GLY B 347 8.15 -11.17 2.35
CA GLY B 347 8.35 -11.59 3.72
C GLY B 347 7.09 -12.12 4.38
N CYS B 348 6.09 -12.52 3.59
CA CYS B 348 4.87 -13.05 4.17
C CYS B 348 5.09 -14.47 4.70
N SER B 349 4.08 -15.00 5.39
CA SER B 349 4.17 -16.36 5.89
C SER B 349 4.06 -17.34 4.74
N MET B 350 4.53 -18.57 4.97
CA MET B 350 4.33 -19.61 3.96
C MET B 350 2.85 -19.82 3.68
N GLU B 351 2.02 -19.76 4.72
CA GLU B 351 0.59 -19.90 4.53
C GLU B 351 0.05 -18.87 3.55
N SER B 352 0.48 -17.61 3.68
CA SER B 352 -0.03 -16.55 2.81
C SER B 352 0.38 -16.77 1.37
N ALA B 353 1.63 -17.16 1.14
CA ALA B 353 2.10 -17.41 -0.22
C ALA B 353 1.36 -18.58 -0.85
N LEU B 354 1.13 -19.65 -0.08
CA LEU B 354 0.44 -20.82 -0.61
C LEU B 354 -1.02 -20.51 -0.91
N GLU B 355 -1.65 -19.67 -0.08
CA GLU B 355 -3.04 -19.30 -0.30
C GLU B 355 -3.22 -18.46 -1.56
N ALA B 356 -2.26 -17.59 -1.85
CA ALA B 356 -2.35 -16.76 -3.05
C ALA B 356 -2.28 -17.59 -4.33
N ALA B 357 -1.71 -18.80 -4.26
CA ALA B 357 -1.58 -19.65 -5.43
C ALA B 357 -2.67 -20.71 -5.54
N SER B 358 -3.62 -20.77 -4.60
CA SER B 358 -4.58 -21.85 -4.59
C SER B 358 -5.92 -21.41 -4.00
N LEU B 359 -5.96 -21.16 -2.68
CA LEU B 359 -7.20 -20.75 -2.04
C LEU B 359 -7.84 -19.54 -2.75
N HIS B 360 -7.05 -18.48 -2.96
CA HIS B 360 -7.61 -17.26 -3.52
C HIS B 360 -8.15 -17.45 -4.94
N PRO B 361 -7.42 -18.05 -5.88
CA PRO B 361 -8.02 -18.31 -7.19
C PRO B 361 -9.25 -19.21 -7.11
N ALA B 362 -9.26 -20.18 -6.18
CA ALA B 362 -10.44 -21.02 -6.03
C ALA B 362 -11.64 -20.21 -5.55
N GLN B 363 -11.42 -19.32 -4.58
CA GLN B 363 -12.49 -18.44 -4.13
C GLN B 363 -13.00 -17.56 -5.26
N LEU B 364 -12.08 -16.98 -6.04
CA LEU B 364 -12.47 -16.17 -7.19
C LEU B 364 -13.49 -16.92 -8.05
N LEU B 365 -13.22 -18.18 -8.34
CA LEU B 365 -14.03 -18.95 -9.26
C LEU B 365 -15.15 -19.73 -8.58
N GLY B 366 -15.40 -19.49 -7.30
CA GLY B 366 -16.48 -20.17 -6.61
C GLY B 366 -16.23 -21.65 -6.39
N LEU B 367 -14.98 -22.07 -6.36
CA LEU B 367 -14.62 -23.49 -6.25
C LEU B 367 -14.10 -23.88 -4.87
N GLU B 368 -14.21 -23.00 -3.88
CA GLU B 368 -13.52 -23.21 -2.61
C GLU B 368 -14.02 -24.42 -1.85
N LYS B 369 -15.15 -25.03 -2.22
CA LYS B 369 -15.61 -26.25 -1.58
C LYS B 369 -14.99 -27.50 -2.17
N SER B 370 -14.45 -27.41 -3.40
CA SER B 370 -13.86 -28.57 -4.06
C SER B 370 -12.39 -28.41 -4.36
N LYS B 371 -11.89 -27.18 -4.57
CA LYS B 371 -10.48 -26.95 -4.87
C LYS B 371 -9.92 -25.88 -3.93
N GLY B 372 -8.59 -25.81 -3.88
CA GLY B 372 -7.91 -24.74 -3.17
C GLY B 372 -7.86 -24.88 -1.66
N THR B 373 -8.39 -25.96 -1.10
CA THR B 373 -8.37 -26.15 0.33
C THR B 373 -8.14 -27.62 0.63
N LEU B 374 -7.71 -27.88 1.87
CA LEU B 374 -7.67 -29.23 2.40
C LEU B 374 -8.84 -29.49 3.34
N ASP B 375 -9.97 -28.82 3.12
CA ASP B 375 -11.15 -29.00 3.97
C ASP B 375 -11.83 -30.33 3.68
N PHE B 376 -12.60 -30.79 4.66
CA PHE B 376 -13.37 -32.01 4.49
C PHE B 376 -14.29 -31.89 3.29
N GLY B 377 -14.33 -32.94 2.46
CA GLY B 377 -15.16 -32.97 1.28
C GLY B 377 -14.50 -32.44 0.02
N ALA B 378 -13.40 -31.68 0.14
CA ALA B 378 -12.75 -31.14 -1.04
C ALA B 378 -12.00 -32.23 -1.80
N ASP B 379 -11.68 -31.93 -3.06
CA ASP B 379 -10.87 -32.84 -3.86
C ASP B 379 -9.45 -32.92 -3.30
N ALA B 380 -8.90 -34.14 -3.27
CA ALA B 380 -7.56 -34.37 -2.75
C ALA B 380 -6.50 -34.05 -3.80
N ASP B 381 -6.47 -32.76 -4.18
CA ASP B 381 -5.42 -32.20 -5.03
C ASP B 381 -4.46 -31.44 -4.13
N PHE B 382 -3.22 -31.90 -4.02
CA PHE B 382 -2.30 -31.23 -3.11
C PHE B 382 -0.86 -31.47 -3.54
N VAL B 383 0.02 -30.65 -3.01
CA VAL B 383 1.45 -30.74 -3.29
C VAL B 383 2.18 -31.04 -1.99
N VAL B 384 3.29 -31.77 -2.10
CA VAL B 384 4.21 -32.03 -1.01
C VAL B 384 5.38 -31.06 -1.17
N LEU B 385 5.62 -30.26 -0.13
CA LEU B 385 6.57 -29.17 -0.17
C LEU B 385 7.54 -29.29 0.99
N ASP B 386 8.78 -28.88 0.74
CA ASP B 386 9.72 -28.72 1.84
C ASP B 386 9.58 -27.30 2.39
N ASP B 387 10.39 -26.96 3.38
CA ASP B 387 10.24 -25.69 4.08
C ASP B 387 10.59 -24.50 3.19
N SER B 388 11.30 -24.71 2.09
CA SER B 388 11.57 -23.65 1.11
C SER B 388 10.51 -23.55 0.03
N LEU B 389 9.44 -24.36 0.14
CA LEU B 389 8.36 -24.40 -0.84
C LEU B 389 8.85 -24.86 -2.21
N HIS B 390 9.78 -25.82 -2.20
CA HIS B 390 10.09 -26.59 -3.40
C HIS B 390 9.17 -27.81 -3.47
N VAL B 391 8.62 -28.05 -4.64
CA VAL B 391 7.62 -29.10 -4.84
C VAL B 391 8.34 -30.44 -4.89
N GLN B 392 7.99 -31.34 -3.97
CA GLN B 392 8.55 -32.67 -3.96
C GLN B 392 7.66 -33.68 -4.67
N ALA B 393 6.35 -33.42 -4.71
CA ALA B 393 5.39 -34.36 -5.28
C ALA B 393 4.07 -33.63 -5.48
N THR B 394 3.28 -34.13 -6.43
CA THR B 394 1.99 -33.55 -6.75
C THR B 394 0.97 -34.68 -6.77
N TYR B 395 -0.15 -34.47 -6.07
CA TYR B 395 -1.24 -35.44 -6.00
C TYR B 395 -2.50 -34.83 -6.59
N ILE B 396 -3.25 -35.65 -7.34
CA ILE B 396 -4.56 -35.28 -7.84
C ILE B 396 -5.52 -36.42 -7.53
N SER B 397 -6.66 -36.08 -6.92
CA SER B 397 -7.65 -37.07 -6.52
C SER B 397 -7.01 -38.16 -5.66
N GLY B 398 -6.06 -37.76 -4.81
CA GLY B 398 -5.38 -38.68 -3.92
C GLY B 398 -4.32 -39.53 -4.56
N GLU B 399 -4.05 -39.37 -5.85
CA GLU B 399 -3.11 -40.20 -6.58
C GLU B 399 -1.85 -39.40 -6.87
N LEU B 400 -0.70 -40.03 -6.62
CA LEU B 400 0.58 -39.40 -6.95
C LEU B 400 0.69 -39.27 -8.47
N VAL B 401 0.88 -38.06 -8.96
CA VAL B 401 0.95 -37.81 -10.40
C VAL B 401 2.26 -37.17 -10.83
N TRP B 402 3.07 -36.69 -9.90
CA TRP B 402 4.42 -36.24 -10.22
C TRP B 402 5.26 -36.32 -8.96
N GLN B 403 6.53 -36.66 -9.14
CA GLN B 403 7.48 -36.76 -8.04
C GLN B 403 8.84 -36.26 -8.50
N ALA B 404 9.49 -35.45 -7.66
CA ALA B 404 10.78 -34.89 -8.01
C ALA B 404 11.84 -35.97 -8.16
N ASP B 405 12.86 -35.65 -8.95
CA ASP B 405 13.93 -36.62 -9.23
C ASP B 405 14.60 -37.10 -7.96
N ALA B 406 14.72 -36.24 -6.95
CA ALA B 406 15.36 -36.59 -5.69
C ALA B 406 14.60 -37.72 -5.00
C1 GLP C . 2.17 20.74 -1.44
C2 GLP C . 3.54 21.36 -1.62
C3 GLP C . 3.65 22.05 -2.95
C4 GLP C . 3.24 21.13 -4.06
C5 GLP C . 1.84 20.55 -3.80
C6 GLP C . 1.36 19.68 -4.92
O1 GLP C . 1.23 21.71 -1.48
N2 GLP C . 3.74 22.34 -0.54
O3 GLP C . 5.04 22.46 -3.17
O4 GLP C . 3.22 21.83 -5.31
O5 GLP C . 1.87 19.78 -2.56
O6 GLP C . 2.33 18.70 -5.17
P GLP C . 1.87 17.60 -6.31
O1P GLP C . 1.16 18.33 -7.47
O2P GLP C . 0.88 16.60 -5.68
O3P GLP C . 3.17 16.90 -6.77
H1 GLP C . 2.13 20.27 -0.60
H2 GLP C . 4.22 20.67 -1.57
H3 GLP C . 3.08 22.83 -2.95
H4 GLP C . 3.87 20.40 -4.11
H5 GLP C . 1.22 21.29 -3.70
H61 GLP C . 0.53 19.25 -4.66
H62 GLP C . 1.22 20.21 -5.72
HO1 GLP C . 1.37 22.27 -0.86
HN21 GLP C . 4.24 21.97 0.10
HN22 GLP C . 4.17 23.05 -0.86
HO3 GLP C . 5.19 23.16 -2.71
HO4 GLP C . 3.79 21.49 -5.83
ZN ZN D . 7.02 21.11 0.05
C1 GLP E . 2.34 -8.80 -19.20
C2 GLP E . 1.21 -8.62 -20.21
C3 GLP E . 1.62 -7.79 -21.37
C4 GLP E . 2.24 -6.49 -20.96
C5 GLP E . 3.41 -6.74 -19.96
C6 GLP E . 4.07 -5.45 -19.53
O1 GLP E . 3.33 -9.52 -19.77
N2 GLP E . 0.77 -9.95 -20.67
O3 GLP E . 0.48 -7.54 -22.24
O4 GLP E . 2.71 -5.81 -22.11
O5 GLP E . 2.90 -7.47 -18.78
O6 GLP E . 3.12 -4.56 -19.00
P GLP E . 3.61 -3.12 -18.36
O1P GLP E . 2.37 -2.18 -18.38
O2P GLP E . 4.10 -3.29 -16.92
O3P GLP E . 4.74 -2.54 -19.23
H1 GLP E . 2.01 -9.25 -18.42
H2 GLP E . 0.46 -8.18 -19.75
H3 GLP E . 2.29 -8.29 -21.87
H4 GLP E . 1.56 -5.95 -20.51
H5 GLP E . 4.06 -7.30 -20.40
H61 GLP E . 4.72 -5.66 -18.84
H62 GLP E . 4.51 -5.04 -20.28
HO1 GLP E . 3.00 -10.24 -20.09
HN21 GLP E . 0.78 -10.51 -19.99
HN22 GLP E . 1.33 -10.23 -21.30
HO3 GLP E . 0.20 -8.27 -22.57
HO4 GLP E . 2.68 -4.96 -21.97
ZN ZN F . -2.44 -9.27 -20.34
#